data_5RMG
#
_entry.id   5RMG
#
_cell.length_a   59.031
_cell.length_b   70.146
_cell.length_c   85.409
_cell.angle_alpha   103.020
_cell.angle_beta   96.170
_cell.angle_gamma   112.220
#
_symmetry.space_group_name_H-M   'P 1'
#
loop_
_entity.id
_entity.type
_entity.pdbx_description
1 polymer Helicase
2 non-polymer 'ZINC ION'
3 non-polymer 'PHOSPHATE ION'
4 non-polymer 4,6-dimethyl-~{N}-phenyl-pyrimidin-2-amine
5 water water
#
_entity_poly.entity_id   1
_entity_poly.type   'polypeptide(L)'
_entity_poly.pdbx_seq_one_letter_code
;AVGACVLCNSQTSLRCGACIRRPFLCCKCCYDHVISTSHKLVLSVNPYVCNAPGCDVTDVTQLYLGGMSYYCKSHKPPIS
FPLCANGQVFGLYKNTCVGSDNVTDFNAIATCDWTNAGDYILANTCTERLKLFAAETLKATEETFKLSYGIATVREVLSD
RELHLSWEVGKPRPPLNRNYVFTGYRVTKNSKVQIGEYTFEKGDYGDAVVYRGTTTYKLNVGDYFVLTSHTVMPLSAPTL
VPQEHYVRITGLYPTLNISDEFSSNVANYQKVGMQKYSTLQGPPGTGKSHFAIGLALYYPSARIVYTACSHAAVDALCEK
ALKYLPIDKCSRIIPARARVECFDKFKVNSTLEQYVFCTVNALPETTADIVVFDEISMATNYDLSVVNARLRAKHYVYIG
DPAQLPAPRTLLTKGTLEPEYFNSVCRLMKTIGPDMFLGTCRRCPAEIVDTVSALVYDNKLKAHKDKSAQCFKMFYKGVI
THDVSSAINRPQIGVVREFLTRNPAWRKAVFISPYNSQNAVASKILGLPTQTVDSSQGSEYDYVIFTQTTETAHSCNVNR
FNVAITRAKVGILCIMSDRDLYDKLQFTSLEIPRRNVATLQ
;
_entity_poly.pdbx_strand_id   A,B
#
# COMPACT_ATOMS: atom_id res chain seq x y z
N ALA A 1 -8.36 -24.77 4.01
CA ALA A 1 -9.22 -25.77 4.63
C ALA A 1 -8.55 -26.53 5.79
N VAL A 2 -7.22 -26.49 5.88
CA VAL A 2 -6.51 -27.14 6.99
C VAL A 2 -5.90 -26.08 7.87
N GLY A 3 -6.48 -25.88 9.04
CA GLY A 3 -5.98 -24.85 9.93
C GLY A 3 -6.07 -25.12 11.41
N ALA A 4 -5.79 -24.08 12.20
CA ALA A 4 -5.79 -24.13 13.64
C ALA A 4 -7.06 -23.60 14.30
N CYS A 5 -7.48 -24.28 15.37
CA CYS A 5 -8.67 -23.99 16.17
C CYS A 5 -8.56 -22.64 16.84
N VAL A 6 -9.54 -21.76 16.64
CA VAL A 6 -9.51 -20.44 17.22
C VAL A 6 -9.70 -20.43 18.75
N LEU A 7 -10.00 -21.57 19.38
CA LEU A 7 -10.16 -21.63 20.85
C LEU A 7 -9.05 -22.38 21.58
N CYS A 8 -8.66 -23.60 21.10
CA CYS A 8 -7.63 -24.42 21.75
C CYS A 8 -6.38 -24.69 20.86
N ASN A 9 -6.32 -24.11 19.64
CA ASN A 9 -5.19 -24.22 18.69
C ASN A 9 -4.99 -25.63 18.07
N SER A 10 -5.79 -26.67 18.48
CA SER A 10 -5.66 -28.04 17.92
C SER A 10 -5.95 -27.97 16.42
N GLN A 11 -5.09 -28.59 15.59
CA GLN A 11 -5.30 -28.57 14.15
C GLN A 11 -6.60 -29.30 13.79
N THR A 12 -7.36 -28.77 12.83
CA THR A 12 -8.62 -29.40 12.41
C THR A 12 -8.98 -29.05 10.98
N SER A 13 -9.70 -29.94 10.31
CA SER A 13 -10.24 -29.63 9.00
C SER A 13 -11.60 -28.88 9.15
N LEU A 14 -12.18 -28.83 10.39
CA LEU A 14 -13.47 -28.20 10.67
C LEU A 14 -13.43 -26.68 10.80
N ARG A 15 -14.28 -26.00 10.04
CA ARG A 15 -14.53 -24.55 10.06
C ARG A 15 -16.02 -24.42 10.33
N CYS A 16 -16.42 -23.46 11.18
CA CYS A 16 -17.84 -23.25 11.40
C CYS A 16 -18.44 -22.47 10.20
N GLY A 17 -19.43 -23.05 9.52
CA GLY A 17 -20.03 -22.42 8.36
C GLY A 17 -21.00 -21.31 8.70
N ALA A 18 -21.69 -21.44 9.86
CA ALA A 18 -22.67 -20.42 10.26
C ALA A 18 -22.05 -19.11 10.80
N CYS A 19 -20.78 -19.17 11.21
CA CYS A 19 -20.00 -18.02 11.65
C CYS A 19 -19.67 -17.18 10.44
N ILE A 20 -19.88 -15.85 10.51
CA ILE A 20 -19.56 -14.94 9.40
C ILE A 20 -18.04 -14.94 9.07
N ARG A 21 -17.19 -15.24 10.06
CA ARG A 21 -15.76 -15.29 9.84
C ARG A 21 -15.22 -16.72 9.59
N ARG A 22 -16.11 -17.78 9.63
CA ARG A 22 -15.80 -19.21 9.41
C ARG A 22 -14.55 -19.71 10.16
N PRO A 23 -14.51 -19.52 11.48
CA PRO A 23 -13.33 -19.94 12.24
C PRO A 23 -13.09 -21.43 12.24
N PHE A 24 -11.81 -21.82 12.28
CA PHE A 24 -11.49 -23.23 12.43
C PHE A 24 -11.83 -23.60 13.89
N LEU A 25 -12.59 -24.66 14.05
CA LEU A 25 -12.98 -25.18 15.37
C LEU A 25 -12.55 -26.64 15.42
N CYS A 26 -11.88 -27.03 16.51
CA CYS A 26 -11.45 -28.42 16.63
C CYS A 26 -12.64 -29.34 16.91
N CYS A 27 -12.42 -30.63 17.09
CA CYS A 27 -13.49 -31.58 17.34
C CYS A 27 -14.27 -31.30 18.65
N LYS A 28 -13.58 -31.04 19.76
CA LYS A 28 -14.28 -30.79 21.03
C LYS A 28 -15.03 -29.45 21.00
N CYS A 29 -14.37 -28.42 20.47
CA CYS A 29 -14.88 -27.06 20.39
C CYS A 29 -16.00 -26.86 19.34
N CYS A 30 -15.88 -27.51 18.18
CA CYS A 30 -16.89 -27.47 17.14
C CYS A 30 -18.21 -28.05 17.68
N TYR A 31 -18.11 -29.15 18.43
CA TYR A 31 -19.25 -29.81 19.05
C TYR A 31 -19.90 -28.88 20.06
N ASP A 32 -19.10 -28.35 21.01
CA ASP A 32 -19.62 -27.46 22.04
C ASP A 32 -20.26 -26.22 21.44
N HIS A 33 -19.79 -25.79 20.24
CA HIS A 33 -20.36 -24.66 19.50
C HIS A 33 -21.72 -25.04 18.85
N VAL A 34 -21.76 -26.12 18.04
CA VAL A 34 -22.98 -26.50 17.36
C VAL A 34 -24.10 -26.96 18.29
N ILE A 35 -23.78 -27.62 19.42
CA ILE A 35 -24.83 -28.15 20.32
C ILE A 35 -25.43 -27.11 21.27
N SER A 36 -24.89 -25.88 21.30
CA SER A 36 -25.41 -24.84 22.18
C SER A 36 -25.73 -23.50 21.48
N THR A 37 -25.70 -23.49 20.14
CA THR A 37 -26.04 -22.32 19.32
C THR A 37 -26.93 -22.74 18.12
N SER A 38 -27.53 -21.75 17.41
CA SER A 38 -28.26 -21.99 16.17
C SER A 38 -27.29 -22.40 15.02
N HIS A 39 -25.96 -22.35 15.27
CA HIS A 39 -24.95 -22.66 14.28
C HIS A 39 -24.80 -24.17 14.13
N LYS A 40 -25.29 -24.71 13.00
CA LYS A 40 -25.20 -26.16 12.79
C LYS A 40 -24.46 -26.54 11.51
N LEU A 41 -24.13 -25.57 10.63
CA LEU A 41 -23.41 -25.90 9.41
C LEU A 41 -21.94 -26.04 9.75
N VAL A 42 -21.37 -27.23 9.50
CA VAL A 42 -19.95 -27.49 9.74
C VAL A 42 -19.26 -27.66 8.35
N LEU A 43 -18.14 -26.95 8.11
CA LEU A 43 -17.41 -26.98 6.83
C LEU A 43 -16.07 -27.70 7.01
N SER A 44 -15.60 -28.40 5.97
CA SER A 44 -14.28 -29.05 5.95
C SER A 44 -13.77 -28.95 4.48
N VAL A 45 -13.17 -30.01 3.87
CA VAL A 45 -12.80 -29.95 2.43
C VAL A 45 -14.11 -29.81 1.62
N ASN A 46 -15.11 -30.62 2.04
CA ASN A 46 -16.48 -30.78 1.62
C ASN A 46 -17.37 -30.42 2.83
N PRO A 47 -18.51 -29.73 2.62
CA PRO A 47 -19.35 -29.36 3.77
C PRO A 47 -20.08 -30.57 4.36
N TYR A 48 -20.48 -30.43 5.60
CA TYR A 48 -21.22 -31.48 6.28
C TYR A 48 -22.65 -31.28 5.96
N VAL A 49 -23.06 -31.86 4.84
CA VAL A 49 -24.39 -31.79 4.28
C VAL A 49 -24.76 -33.20 3.78
N CYS A 50 -26.06 -33.55 3.77
CA CYS A 50 -26.49 -34.85 3.27
C CYS A 50 -26.17 -35.01 1.79
N ASN A 51 -25.45 -36.10 1.47
CA ASN A 51 -25.00 -36.42 0.12
C ASN A 51 -26.06 -37.06 -0.74
N ALA A 52 -27.19 -37.55 -0.15
CA ALA A 52 -28.28 -38.16 -0.91
C ALA A 52 -28.88 -37.10 -1.83
N PRO A 53 -29.09 -37.44 -3.12
CA PRO A 53 -29.59 -36.43 -4.07
C PRO A 53 -30.84 -35.65 -3.67
N GLY A 54 -30.81 -34.33 -3.89
CA GLY A 54 -31.92 -33.44 -3.62
C GLY A 54 -32.31 -33.27 -2.16
N CYS A 55 -31.46 -33.72 -1.25
CA CYS A 55 -31.75 -33.62 0.17
C CYS A 55 -31.15 -32.36 0.73
N ASP A 56 -31.89 -31.67 1.62
CA ASP A 56 -31.45 -30.40 2.20
C ASP A 56 -31.15 -30.48 3.72
N VAL A 57 -30.60 -31.62 4.21
CA VAL A 57 -30.21 -31.71 5.62
C VAL A 57 -28.77 -31.21 5.76
N THR A 58 -28.58 -30.05 6.46
CA THR A 58 -27.28 -29.39 6.68
C THR A 58 -26.85 -29.35 8.16
N ASP A 59 -27.76 -29.67 9.10
CA ASP A 59 -27.49 -29.68 10.54
C ASP A 59 -26.57 -30.86 10.87
N VAL A 60 -25.40 -30.59 11.47
CA VAL A 60 -24.38 -31.59 11.84
C VAL A 60 -24.89 -32.62 12.89
N THR A 61 -25.90 -32.24 13.68
CA THR A 61 -26.49 -33.13 14.68
C THR A 61 -27.46 -34.15 14.04
N GLN A 62 -27.99 -33.82 12.85
CA GLN A 62 -28.88 -34.69 12.09
C GLN A 62 -28.10 -35.43 11.00
N LEU A 63 -26.74 -35.52 11.09
CA LEU A 63 -25.93 -36.17 10.07
C LEU A 63 -25.02 -37.28 10.60
N TYR A 64 -24.58 -38.18 9.69
CA TYR A 64 -23.79 -39.38 9.94
C TYR A 64 -22.75 -39.59 8.83
N LEU A 65 -21.70 -40.42 9.13
CA LEU A 65 -20.66 -40.86 8.21
C LEU A 65 -20.98 -42.28 7.66
N GLY A 66 -21.30 -42.33 6.36
CA GLY A 66 -21.59 -43.55 5.63
C GLY A 66 -20.33 -43.94 4.90
N GLY A 67 -19.37 -44.44 5.67
CA GLY A 67 -18.07 -44.82 5.18
C GLY A 67 -17.13 -43.63 5.04
N MET A 68 -17.19 -43.00 3.87
CA MET A 68 -16.39 -41.81 3.61
C MET A 68 -17.26 -40.55 3.39
N SER A 69 -18.57 -40.73 3.09
CA SER A 69 -19.55 -39.68 2.80
C SER A 69 -20.51 -39.32 3.99
N TYR A 70 -21.36 -38.27 3.82
CA TYR A 70 -22.26 -37.83 4.90
C TYR A 70 -23.71 -37.90 4.50
N TYR A 71 -24.59 -38.40 5.40
CA TYR A 71 -26.03 -38.57 5.16
C TYR A 71 -26.84 -38.25 6.40
N CYS A 72 -28.11 -37.86 6.23
CA CYS A 72 -29.00 -37.62 7.36
C CYS A 72 -29.55 -38.97 7.94
N LYS A 73 -30.46 -38.91 8.93
CA LYS A 73 -31.08 -40.09 9.55
C LYS A 73 -31.96 -40.89 8.56
N SER A 74 -32.52 -40.18 7.53
CA SER A 74 -33.39 -40.74 6.49
C SER A 74 -32.62 -41.36 5.30
N HIS A 75 -31.30 -41.08 5.18
CA HIS A 75 -30.53 -41.56 4.03
C HIS A 75 -29.27 -42.35 4.37
N LYS A 76 -28.89 -42.37 5.63
CA LYS A 76 -27.66 -43.05 6.05
C LYS A 76 -27.71 -44.55 5.79
N PRO A 77 -26.53 -45.15 5.49
CA PRO A 77 -26.48 -46.62 5.35
C PRO A 77 -26.55 -47.34 6.73
N PRO A 78 -26.65 -48.68 6.80
CA PRO A 78 -26.73 -49.34 8.12
C PRO A 78 -25.47 -49.11 8.97
N ILE A 79 -24.30 -49.09 8.31
CA ILE A 79 -23.05 -48.86 9.00
C ILE A 79 -22.70 -47.39 8.85
N SER A 80 -23.31 -46.60 9.75
CA SER A 80 -23.19 -45.16 9.83
C SER A 80 -23.11 -44.69 11.29
N PHE A 81 -22.11 -43.87 11.49
CA PHE A 81 -21.68 -43.29 12.75
C PHE A 81 -22.12 -41.83 12.79
N PRO A 82 -22.75 -41.32 13.87
CA PRO A 82 -23.10 -39.88 13.89
C PRO A 82 -21.88 -38.94 13.90
N LEU A 83 -22.01 -37.78 13.26
CA LEU A 83 -20.93 -36.80 13.28
C LEU A 83 -20.81 -36.20 14.70
N CYS A 84 -21.93 -36.16 15.47
CA CYS A 84 -21.92 -35.62 16.83
C CYS A 84 -22.08 -36.69 17.90
N ALA A 85 -20.97 -37.06 18.55
CA ALA A 85 -21.00 -38.08 19.59
C ALA A 85 -19.81 -37.92 20.52
N ASN A 86 -20.02 -38.24 21.82
CA ASN A 86 -18.98 -38.16 22.87
C ASN A 86 -18.22 -36.80 22.92
N GLY A 87 -18.96 -35.70 22.75
CA GLY A 87 -18.44 -34.35 22.82
C GLY A 87 -17.56 -33.90 21.67
N GLN A 88 -17.63 -34.61 20.53
CA GLN A 88 -16.83 -34.27 19.36
C GLN A 88 -17.64 -34.24 18.07
N VAL A 89 -17.12 -33.54 17.06
CA VAL A 89 -17.64 -33.48 15.70
C VAL A 89 -16.57 -34.14 14.85
N PHE A 90 -16.96 -35.19 14.09
CA PHE A 90 -16.02 -35.98 13.30
C PHE A 90 -15.23 -35.13 12.32
N GLY A 91 -13.93 -35.34 12.24
CA GLY A 91 -13.10 -34.61 11.30
C GLY A 91 -11.69 -35.14 11.24
N LEU A 92 -10.72 -34.24 11.05
CA LEU A 92 -9.33 -34.63 11.02
C LEU A 92 -8.67 -34.26 12.34
N TYR A 93 -7.58 -34.97 12.67
CA TYR A 93 -6.75 -34.75 13.86
C TYR A 93 -7.55 -34.81 15.16
N LYS A 94 -8.46 -35.80 15.26
CA LYS A 94 -9.33 -35.99 16.42
C LYS A 94 -8.55 -36.32 17.68
N VAL A 103 -15.63 -21.74 25.97
CA VAL A 103 -16.37 -21.81 24.71
C VAL A 103 -17.75 -21.11 24.81
N THR A 104 -18.28 -20.92 26.04
CA THR A 104 -19.48 -20.11 26.31
C THR A 104 -19.31 -18.66 25.78
N ASP A 105 -18.12 -18.09 25.96
CA ASP A 105 -17.82 -16.75 25.47
C ASP A 105 -17.64 -16.71 23.94
N PHE A 106 -17.09 -17.79 23.36
CA PHE A 106 -16.94 -17.90 21.91
C PHE A 106 -18.34 -17.92 21.26
N ASN A 107 -19.30 -18.63 21.89
CA ASN A 107 -20.67 -18.75 21.39
C ASN A 107 -21.34 -17.41 21.34
N ALA A 108 -21.16 -16.62 22.41
CA ALA A 108 -21.76 -15.31 22.51
C ALA A 108 -21.16 -14.32 21.50
N ILE A 109 -19.83 -14.42 21.23
CA ILE A 109 -19.19 -13.55 20.23
C ILE A 109 -19.70 -13.93 18.82
N ALA A 110 -19.76 -15.25 18.55
CA ALA A 110 -20.17 -15.79 17.25
C ALA A 110 -21.61 -15.46 16.87
N THR A 111 -22.52 -15.39 17.86
CA THR A 111 -23.96 -15.19 17.62
C THR A 111 -24.56 -13.80 17.94
N CYS A 112 -23.81 -12.94 18.63
CA CYS A 112 -24.33 -11.61 18.96
C CYS A 112 -24.47 -10.66 17.74
N ASP A 113 -25.39 -9.70 17.80
CA ASP A 113 -25.57 -8.73 16.72
C ASP A 113 -24.74 -7.41 16.90
N TRP A 114 -23.99 -7.28 18.04
CA TRP A 114 -23.12 -6.16 18.41
C TRP A 114 -23.86 -4.86 18.69
N THR A 115 -25.15 -4.95 19.07
CA THR A 115 -25.94 -3.74 19.36
C THR A 115 -26.00 -3.45 20.89
N ASN A 116 -25.55 -4.39 21.73
CA ASN A 116 -25.57 -4.29 23.18
C ASN A 116 -24.15 -4.05 23.67
N ALA A 117 -23.98 -3.29 24.77
CA ALA A 117 -22.65 -3.03 25.33
C ALA A 117 -21.99 -4.28 25.88
N GLY A 118 -22.80 -5.21 26.40
CA GLY A 118 -22.34 -6.50 26.95
C GLY A 118 -21.55 -7.34 25.96
N ASP A 119 -21.77 -7.10 24.64
CA ASP A 119 -21.07 -7.73 23.52
C ASP A 119 -19.63 -7.25 23.47
N TYR A 120 -19.44 -5.92 23.65
CA TYR A 120 -18.12 -5.30 23.65
C TYR A 120 -17.36 -5.62 24.92
N ILE A 121 -18.07 -5.79 26.05
CA ILE A 121 -17.46 -6.14 27.33
C ILE A 121 -16.83 -7.50 27.20
N LEU A 122 -17.59 -8.46 26.67
CA LEU A 122 -17.11 -9.80 26.42
C LEU A 122 -15.90 -9.81 25.49
N ALA A 123 -15.97 -9.06 24.36
CA ALA A 123 -14.90 -8.94 23.35
C ALA A 123 -13.55 -8.39 23.92
N ASN A 124 -13.56 -7.93 25.17
CA ASN A 124 -12.38 -7.40 25.86
C ASN A 124 -12.01 -8.17 27.13
N THR A 125 -12.96 -8.95 27.68
CA THR A 125 -12.69 -9.80 28.84
C THR A 125 -12.31 -11.24 28.43
N CYS A 126 -12.48 -11.59 27.15
CA CYS A 126 -12.18 -12.93 26.67
C CYS A 126 -10.65 -13.18 26.47
N THR A 127 -10.26 -14.40 26.09
CA THR A 127 -8.88 -14.74 25.79
C THR A 127 -8.38 -13.93 24.57
N GLU A 128 -7.07 -13.87 24.37
CA GLU A 128 -6.49 -13.11 23.27
C GLU A 128 -6.96 -13.56 21.86
N ARG A 129 -7.03 -14.88 21.57
CA ARG A 129 -7.52 -15.31 20.26
C ARG A 129 -9.02 -14.95 20.07
N LEU A 130 -9.78 -14.95 21.18
CA LEU A 130 -11.18 -14.56 21.11
C LEU A 130 -11.37 -13.05 20.93
N LYS A 131 -10.38 -12.24 21.36
CA LYS A 131 -10.42 -10.81 21.16
C LYS A 131 -10.27 -10.54 19.64
N LEU A 132 -9.39 -11.32 18.94
CA LEU A 132 -9.20 -11.16 17.49
C LEU A 132 -10.40 -11.65 16.70
N PHE A 133 -10.99 -12.78 17.13
CA PHE A 133 -12.20 -13.35 16.54
C PHE A 133 -13.33 -12.31 16.67
N ALA A 134 -13.51 -11.76 17.88
CA ALA A 134 -14.50 -10.71 18.17
C ALA A 134 -14.26 -9.45 17.33
N ALA A 135 -13.01 -9.02 17.18
CA ALA A 135 -12.69 -7.82 16.39
C ALA A 135 -12.94 -7.99 14.88
N GLU A 136 -12.65 -9.17 14.27
CA GLU A 136 -12.93 -9.34 12.83
C GLU A 136 -14.45 -9.50 12.67
N THR A 137 -15.11 -10.29 13.56
CA THR A 137 -16.56 -10.55 13.51
C THR A 137 -17.33 -9.23 13.55
N LEU A 138 -17.01 -8.36 14.54
CA LEU A 138 -17.60 -7.06 14.72
C LEU A 138 -17.37 -6.20 13.50
N LYS A 139 -16.12 -6.12 13.02
CA LYS A 139 -15.84 -5.26 11.87
C LYS A 139 -16.56 -5.73 10.62
N ALA A 140 -16.73 -7.06 10.46
CA ALA A 140 -17.45 -7.66 9.34
C ALA A 140 -18.93 -7.32 9.46
N THR A 141 -19.48 -7.39 10.67
CA THR A 141 -20.87 -7.05 10.92
C THR A 141 -21.15 -5.58 10.63
N GLU A 142 -20.20 -4.70 11.05
CA GLU A 142 -20.26 -3.26 10.84
C GLU A 142 -20.24 -2.92 9.35
N GLU A 143 -19.49 -3.69 8.55
CA GLU A 143 -19.38 -3.48 7.09
C GLU A 143 -20.61 -4.00 6.34
N THR A 144 -21.10 -5.20 6.69
CA THR A 144 -22.32 -5.74 6.08
C THR A 144 -23.58 -4.90 6.46
N PHE A 145 -23.50 -4.11 7.56
CA PHE A 145 -24.59 -3.23 7.95
C PHE A 145 -24.64 -1.94 7.06
N LYS A 146 -23.51 -1.61 6.42
CA LYS A 146 -23.44 -0.46 5.50
C LYS A 146 -24.35 -0.68 4.27
N LEU A 147 -24.58 -1.95 3.90
CA LEU A 147 -25.42 -2.33 2.76
C LEU A 147 -26.90 -2.04 3.00
N SER A 148 -27.33 -2.12 4.27
CA SER A 148 -28.69 -1.91 4.75
C SER A 148 -29.25 -0.50 4.46
N TYR A 149 -28.35 0.46 4.24
CA TYR A 149 -28.68 1.87 3.97
C TYR A 149 -29.01 2.13 2.49
N GLY A 150 -29.78 3.20 2.27
CA GLY A 150 -30.22 3.65 0.96
C GLY A 150 -29.28 4.61 0.25
N ILE A 151 -29.26 4.52 -1.09
CA ILE A 151 -28.41 5.35 -1.97
C ILE A 151 -28.91 6.82 -2.05
N ALA A 152 -28.00 7.82 -2.17
CA ALA A 152 -28.38 9.24 -2.29
C ALA A 152 -27.97 9.84 -3.65
N THR A 153 -28.94 10.21 -4.47
CA THR A 153 -28.68 10.75 -5.81
C THR A 153 -28.82 12.26 -5.86
N VAL A 154 -27.86 12.94 -6.50
CA VAL A 154 -27.91 14.40 -6.66
C VAL A 154 -29.09 14.78 -7.56
N ARG A 155 -30.09 15.45 -6.98
CA ARG A 155 -31.25 15.89 -7.75
C ARG A 155 -31.00 17.28 -8.34
N GLU A 156 -30.31 18.18 -7.59
CA GLU A 156 -29.96 19.55 -8.04
C GLU A 156 -28.69 20.13 -7.36
N VAL A 157 -28.01 21.08 -8.03
CA VAL A 157 -26.80 21.74 -7.52
C VAL A 157 -27.06 23.23 -7.34
N LEU A 158 -27.18 23.70 -6.07
CA LEU A 158 -27.45 25.11 -5.78
C LEU A 158 -26.21 26.00 -6.02
N SER A 159 -25.08 25.59 -5.42
CA SER A 159 -23.85 26.33 -5.48
C SER A 159 -22.64 25.37 -5.32
N ASP A 160 -21.43 25.91 -4.98
CA ASP A 160 -20.18 25.16 -4.78
C ASP A 160 -20.09 24.48 -3.40
N ARG A 161 -20.95 24.88 -2.44
CA ARG A 161 -20.96 24.30 -1.10
C ARG A 161 -22.37 23.87 -0.62
N GLU A 162 -23.39 23.84 -1.51
CA GLU A 162 -24.75 23.41 -1.13
C GLU A 162 -25.47 22.61 -2.23
N LEU A 163 -26.17 21.52 -1.84
CA LEU A 163 -26.95 20.74 -2.80
C LEU A 163 -28.24 20.14 -2.19
N HIS A 164 -29.13 19.55 -3.02
CA HIS A 164 -30.38 18.92 -2.58
C HIS A 164 -30.37 17.42 -3.00
N LEU A 165 -30.46 16.49 -2.02
CA LEU A 165 -30.37 15.04 -2.28
C LEU A 165 -31.72 14.29 -2.39
N SER A 166 -31.71 13.17 -3.14
CA SER A 166 -32.84 12.27 -3.39
C SER A 166 -32.46 10.89 -2.82
N TRP A 167 -33.26 10.33 -1.88
CA TRP A 167 -32.92 9.06 -1.23
C TRP A 167 -33.68 7.85 -1.74
N GLU A 168 -33.09 6.65 -1.59
CA GLU A 168 -33.70 5.40 -2.00
C GLU A 168 -34.89 5.08 -1.10
N VAL A 169 -36.03 4.70 -1.70
CA VAL A 169 -37.24 4.36 -0.98
C VAL A 169 -37.18 2.90 -0.48
N GLY A 170 -37.58 2.68 0.78
CA GLY A 170 -37.58 1.34 1.37
C GLY A 170 -36.36 1.05 2.22
N LYS A 171 -35.22 1.69 1.91
CA LYS A 171 -33.99 1.49 2.68
C LYS A 171 -33.73 2.69 3.58
N PRO A 172 -33.43 2.45 4.87
CA PRO A 172 -33.20 3.57 5.80
C PRO A 172 -32.10 4.52 5.37
N ARG A 173 -32.19 5.76 5.85
CA ARG A 173 -31.24 6.82 5.52
C ARG A 173 -30.19 6.90 6.64
N PRO A 174 -28.88 6.74 6.34
CA PRO A 174 -27.85 6.81 7.41
C PRO A 174 -27.75 8.18 8.07
N PRO A 175 -27.47 8.28 9.39
CA PRO A 175 -27.42 9.61 10.04
C PRO A 175 -26.45 10.62 9.42
N LEU A 176 -26.94 11.83 9.08
CA LEU A 176 -26.12 12.89 8.46
C LEU A 176 -25.17 13.61 9.42
N ASN A 177 -23.88 13.30 9.30
CA ASN A 177 -22.80 13.88 10.09
C ASN A 177 -21.45 13.70 9.37
N ARG A 178 -20.40 14.43 9.80
CA ARG A 178 -19.08 14.26 9.21
C ARG A 178 -18.43 12.88 9.55
N ASN A 179 -19.03 12.12 10.48
CA ASN A 179 -18.59 10.79 10.92
C ASN A 179 -18.80 9.75 9.80
N TYR A 180 -19.91 9.88 9.06
CA TYR A 180 -20.24 8.95 7.97
C TYR A 180 -19.59 9.42 6.63
N VAL A 181 -18.35 8.97 6.32
CA VAL A 181 -17.68 9.38 5.07
C VAL A 181 -18.07 8.48 3.89
N PHE A 182 -18.96 8.97 3.04
CA PHE A 182 -19.46 8.27 1.86
C PHE A 182 -18.42 8.13 0.73
N THR A 183 -18.79 7.45 -0.38
CA THR A 183 -17.99 7.35 -1.59
C THR A 183 -18.88 7.75 -2.77
N GLY A 184 -18.52 8.86 -3.40
CA GLY A 184 -19.27 9.38 -4.53
C GLY A 184 -18.94 8.67 -5.82
N TYR A 185 -19.93 8.60 -6.73
CA TYR A 185 -19.81 7.94 -8.03
C TYR A 185 -20.52 8.74 -9.12
N GLN A 194 -16.33 7.11 -9.73
CA GLN A 194 -15.49 7.22 -8.53
C GLN A 194 -15.09 8.69 -8.28
N ILE A 195 -16.11 9.59 -8.16
CA ILE A 195 -15.91 11.05 -8.04
C ILE A 195 -15.41 11.55 -6.64
N GLY A 196 -14.92 10.64 -5.80
CA GLY A 196 -14.32 10.99 -4.51
C GLY A 196 -15.20 10.88 -3.29
N GLU A 197 -14.57 10.77 -2.10
CA GLU A 197 -15.33 10.67 -0.85
C GLU A 197 -16.07 11.99 -0.60
N TYR A 198 -17.30 11.91 -0.09
CA TYR A 198 -18.11 13.10 0.18
C TYR A 198 -18.74 13.00 1.58
N THR A 199 -18.82 14.13 2.29
CA THR A 199 -19.42 14.21 3.62
C THR A 199 -20.60 15.23 3.62
N PHE A 200 -21.62 15.05 4.52
CA PHE A 200 -22.80 15.95 4.54
C PHE A 200 -23.25 16.50 5.92
N GLU A 201 -23.62 17.80 5.96
CA GLU A 201 -24.11 18.51 7.14
C GLU A 201 -25.33 19.35 6.74
N LYS A 202 -26.37 19.40 7.61
CA LYS A 202 -27.57 20.18 7.32
C LYS A 202 -27.33 21.70 7.31
N ASP A 207 -34.68 22.70 3.58
CA ASP A 207 -34.35 21.52 2.77
C ASP A 207 -32.98 21.62 2.08
N ALA A 208 -32.15 22.65 2.38
CA ALA A 208 -30.84 22.83 1.75
C ALA A 208 -29.66 22.30 2.60
N VAL A 209 -29.05 21.19 2.14
CA VAL A 209 -27.91 20.54 2.80
C VAL A 209 -26.57 21.09 2.26
N VAL A 210 -25.51 20.88 3.02
CA VAL A 210 -24.17 21.33 2.65
C VAL A 210 -23.37 20.08 2.17
N TYR A 211 -22.82 20.11 0.92
CA TYR A 211 -22.05 19.00 0.34
C TYR A 211 -20.54 19.22 0.44
N ARG A 212 -19.81 18.22 0.94
CA ARG A 212 -18.36 18.34 1.13
C ARG A 212 -17.55 17.26 0.43
N GLY A 213 -17.05 17.57 -0.76
CA GLY A 213 -16.25 16.61 -1.51
C GLY A 213 -14.77 16.66 -1.25
N THR A 214 -14.22 15.56 -0.69
CA THR A 214 -12.79 15.41 -0.42
C THR A 214 -11.91 15.61 -1.67
N THR A 215 -12.52 15.51 -2.86
CA THR A 215 -11.89 15.74 -4.15
C THR A 215 -12.72 16.84 -4.83
N THR A 216 -12.07 17.89 -5.36
CA THR A 216 -12.80 19.00 -5.98
C THR A 216 -13.44 18.63 -7.30
N TYR A 217 -14.77 18.55 -7.31
CA TYR A 217 -15.51 18.20 -8.51
C TYR A 217 -16.78 19.00 -8.61
N LYS A 218 -17.07 19.51 -9.80
CA LYS A 218 -18.27 20.30 -10.09
C LYS A 218 -19.50 19.39 -10.01
N LEU A 219 -20.18 19.34 -8.83
CA LEU A 219 -21.35 18.51 -8.53
C LEU A 219 -22.29 18.27 -9.73
N ASN A 220 -22.49 16.99 -10.08
CA ASN A 220 -23.30 16.58 -11.23
C ASN A 220 -24.63 16.00 -10.79
N VAL A 221 -25.71 16.38 -11.49
CA VAL A 221 -27.04 15.85 -11.24
C VAL A 221 -27.10 14.45 -11.87
N GLY A 222 -27.61 13.48 -11.12
CA GLY A 222 -27.68 12.11 -11.60
C GLY A 222 -26.65 11.22 -10.95
N ASP A 223 -25.47 11.78 -10.63
CA ASP A 223 -24.44 11.00 -9.96
C ASP A 223 -24.89 10.65 -8.54
N TYR A 224 -24.56 9.45 -8.07
CA TYR A 224 -25.02 8.97 -6.77
C TYR A 224 -23.87 8.73 -5.77
N PHE A 225 -24.18 8.62 -4.48
CA PHE A 225 -23.19 8.31 -3.44
C PHE A 225 -23.53 6.97 -2.78
N VAL A 226 -22.51 6.17 -2.43
CA VAL A 226 -22.67 4.87 -1.75
C VAL A 226 -21.54 4.69 -0.69
N LEU A 227 -21.86 4.07 0.46
CA LEU A 227 -20.94 3.86 1.57
C LEU A 227 -19.63 3.15 1.22
N THR A 228 -18.58 3.50 1.95
CA THR A 228 -17.26 2.91 1.75
C THR A 228 -17.15 1.59 2.50
N SER A 229 -17.91 0.58 2.07
CA SER A 229 -17.88 -0.73 2.73
C SER A 229 -16.59 -1.49 2.37
N HIS A 230 -15.51 -1.29 3.15
CA HIS A 230 -14.24 -1.96 2.87
C HIS A 230 -14.23 -3.37 3.44
N THR A 231 -13.52 -4.25 2.76
CA THR A 231 -13.34 -5.65 3.09
C THR A 231 -12.60 -5.77 4.43
N VAL A 232 -13.02 -6.71 5.30
CA VAL A 232 -12.39 -6.93 6.59
C VAL A 232 -11.39 -8.02 6.48
N MET A 233 -10.11 -7.70 6.63
CA MET A 233 -9.06 -8.69 6.56
C MET A 233 -8.99 -9.50 7.85
N PRO A 234 -8.42 -10.71 7.80
CA PRO A 234 -8.26 -11.47 9.05
C PRO A 234 -7.16 -10.87 9.92
N LEU A 235 -7.27 -11.10 11.23
CA LEU A 235 -6.31 -10.63 12.22
C LEU A 235 -5.45 -11.82 12.59
N SER A 236 -4.13 -11.60 12.65
CA SER A 236 -3.12 -12.61 12.97
C SER A 236 -2.39 -12.28 14.26
N ALA A 237 -1.89 -11.02 14.37
CA ALA A 237 -1.15 -10.53 15.54
C ALA A 237 -2.08 -10.24 16.72
N PRO A 238 -1.61 -10.47 17.98
CA PRO A 238 -2.47 -10.13 19.13
C PRO A 238 -2.72 -8.62 19.25
N THR A 239 -3.69 -8.21 20.09
CA THR A 239 -3.95 -6.76 20.31
C THR A 239 -2.75 -6.14 21.04
N LEU A 240 -2.19 -6.88 22.00
CA LEU A 240 -1.00 -6.59 22.77
C LEU A 240 -0.06 -7.78 22.67
N VAL A 241 1.21 -7.54 22.37
CA VAL A 241 2.20 -8.64 22.36
C VAL A 241 2.39 -9.13 23.83
N PRO A 242 2.96 -10.32 24.09
CA PRO A 242 3.19 -10.72 25.50
C PRO A 242 4.19 -9.73 26.13
N GLN A 243 3.93 -9.31 27.38
CA GLN A 243 4.79 -8.35 28.04
C GLN A 243 6.17 -8.89 28.40
N GLU A 244 7.22 -8.11 28.18
CA GLU A 244 8.57 -8.50 28.55
C GLU A 244 9.15 -7.42 29.43
N HIS A 245 9.68 -7.81 30.58
CA HIS A 245 10.34 -6.88 31.46
C HIS A 245 11.81 -7.18 31.38
N TYR A 246 12.63 -6.13 31.30
CA TYR A 246 14.08 -6.29 31.19
C TYR A 246 14.79 -5.64 32.39
N VAL A 247 16.05 -6.07 32.63
CA VAL A 247 16.94 -5.57 33.69
C VAL A 247 17.63 -4.26 33.29
N ARG A 248 17.76 -4.02 32.00
CA ARG A 248 18.38 -2.84 31.47
C ARG A 248 17.71 -2.49 30.14
N ILE A 249 17.92 -1.24 29.71
CA ILE A 249 17.37 -0.70 28.46
C ILE A 249 17.88 -1.55 27.28
N THR A 250 16.95 -2.10 26.50
CA THR A 250 17.24 -3.05 25.43
C THR A 250 17.15 -2.47 24.00
N GLY A 251 18.22 -2.57 23.23
CA GLY A 251 18.26 -2.11 21.84
C GLY A 251 18.13 -0.62 21.60
N LEU A 252 18.06 0.14 22.68
CA LEU A 252 17.94 1.58 22.63
C LEU A 252 19.16 2.17 23.30
N TYR A 253 19.65 3.28 22.74
CA TYR A 253 20.86 3.92 23.26
C TYR A 253 20.56 5.35 23.75
N PRO A 254 20.50 5.52 25.10
CA PRO A 254 20.12 6.82 25.68
C PRO A 254 21.18 7.91 25.63
N THR A 255 20.75 9.19 25.71
CA THR A 255 21.69 10.31 25.84
C THR A 255 21.88 10.63 27.36
N LEU A 256 22.87 11.47 27.65
CA LEU A 256 23.19 12.01 28.99
C LEU A 256 23.00 13.54 28.94
N ASN A 257 23.26 14.15 27.76
CA ASN A 257 23.00 15.52 27.42
C ASN A 257 21.54 15.48 26.95
N ILE A 258 20.61 15.21 27.87
CA ILE A 258 19.19 15.19 27.56
C ILE A 258 18.59 16.52 28.00
N SER A 259 18.13 17.33 27.02
CA SER A 259 17.52 18.67 27.16
C SER A 259 16.63 18.79 28.39
N ASP A 260 16.88 19.81 29.25
CA ASP A 260 16.11 20.07 30.47
C ASP A 260 14.60 20.06 30.22
N GLU A 261 14.20 20.47 29.00
CA GLU A 261 12.84 20.52 28.49
C GLU A 261 12.13 19.18 28.70
N PHE A 262 12.86 18.07 28.48
CA PHE A 262 12.41 16.66 28.56
C PHE A 262 12.91 15.90 29.76
N SER A 263 13.61 16.56 30.70
CA SER A 263 14.16 15.95 31.91
C SER A 263 13.10 15.35 32.84
N SER A 264 11.87 15.88 32.79
CA SER A 264 10.79 15.33 33.61
C SER A 264 10.39 13.92 33.15
N ASN A 265 10.63 13.59 31.88
CA ASN A 265 10.26 12.29 31.36
C ASN A 265 11.42 11.28 31.30
N VAL A 266 12.62 11.61 31.79
CA VAL A 266 13.77 10.70 31.75
C VAL A 266 13.49 9.35 32.41
N ALA A 267 12.94 9.33 33.65
CA ALA A 267 12.65 8.06 34.32
C ALA A 267 11.60 7.23 33.53
N ASN A 268 10.66 7.92 32.88
CA ASN A 268 9.62 7.29 32.07
C ASN A 268 10.20 6.74 30.74
N TYR A 269 11.15 7.45 30.11
CA TYR A 269 11.80 6.99 28.88
C TYR A 269 12.68 5.77 29.14
N GLN A 270 13.24 5.66 30.36
CA GLN A 270 14.03 4.51 30.75
C GLN A 270 13.09 3.34 30.98
N LYS A 271 11.92 3.58 31.64
CA LYS A 271 10.85 2.57 31.84
C LYS A 271 10.42 2.03 30.47
N VAL A 272 10.38 2.90 29.42
CA VAL A 272 10.06 2.54 28.02
C VAL A 272 11.10 1.52 27.45
N GLY A 273 12.39 1.69 27.76
CA GLY A 273 13.45 0.80 27.29
C GLY A 273 13.60 -0.49 28.07
N MET A 274 12.96 -0.58 29.26
CA MET A 274 13.04 -1.77 30.11
C MET A 274 11.80 -2.64 30.13
N GLN A 275 10.93 -2.46 29.15
CA GLN A 275 9.68 -3.18 28.95
C GLN A 275 9.46 -3.36 27.41
N LYS A 276 8.74 -4.42 26.99
CA LYS A 276 8.42 -4.62 25.58
C LYS A 276 7.39 -3.51 25.21
N TYR A 277 6.34 -3.38 26.02
CA TYR A 277 5.36 -2.32 25.81
C TYR A 277 5.13 -1.55 27.12
N SER A 278 4.67 -0.32 26.97
CA SER A 278 4.35 0.54 28.12
C SER A 278 3.14 1.43 27.81
N THR A 279 2.33 1.69 28.85
CA THR A 279 1.14 2.53 28.73
C THR A 279 1.35 3.88 29.42
N LEU A 280 0.92 4.94 28.75
CA LEU A 280 1.00 6.27 29.32
C LEU A 280 -0.41 6.88 29.36
N GLN A 281 -0.94 7.12 30.57
CA GLN A 281 -2.17 7.86 30.72
C GLN A 281 -1.82 9.35 30.87
N GLY A 282 -2.23 10.12 29.88
CA GLY A 282 -2.02 11.54 29.89
C GLY A 282 -3.33 12.29 29.79
N PRO A 283 -3.87 12.81 30.93
CA PRO A 283 -5.04 13.71 30.88
C PRO A 283 -4.81 14.91 29.95
N PRO A 284 -5.83 15.70 29.60
CA PRO A 284 -5.61 16.81 28.66
C PRO A 284 -4.52 17.79 29.08
N GLY A 285 -3.63 18.14 28.14
CA GLY A 285 -2.57 19.14 28.33
C GLY A 285 -1.46 18.77 29.29
N THR A 286 -1.35 17.48 29.64
CA THR A 286 -0.31 17.02 30.57
C THR A 286 1.04 16.72 29.92
N GLY A 287 1.13 16.83 28.60
CA GLY A 287 2.37 16.64 27.86
C GLY A 287 2.53 15.35 27.12
N LYS A 288 1.46 14.82 26.49
CA LYS A 288 1.55 13.57 25.74
C LYS A 288 2.45 13.66 24.49
N SER A 289 2.20 14.63 23.57
CA SER A 289 3.01 14.72 22.35
C SER A 289 4.43 15.17 22.64
N HIS A 290 4.62 15.94 23.73
CA HIS A 290 5.92 16.39 24.21
C HIS A 290 6.68 15.14 24.70
N PHE A 291 6.00 14.22 25.41
CA PHE A 291 6.57 12.96 25.86
C PHE A 291 6.94 12.09 24.63
N ALA A 292 6.01 11.94 23.68
CA ALA A 292 6.26 11.14 22.47
C ALA A 292 7.46 11.66 21.66
N ILE A 293 7.52 12.97 21.35
CA ILE A 293 8.64 13.56 20.60
C ILE A 293 9.93 13.54 21.43
N GLY A 294 9.79 13.71 22.74
CA GLY A 294 10.90 13.67 23.68
C GLY A 294 11.56 12.31 23.83
N LEU A 295 10.85 11.27 23.50
CA LEU A 295 11.39 9.92 23.54
C LEU A 295 12.44 9.77 22.42
N ALA A 296 12.28 10.47 21.27
CA ALA A 296 13.22 10.49 20.13
C ALA A 296 14.49 11.23 20.48
N LEU A 297 14.40 12.27 21.29
CA LEU A 297 15.55 13.02 21.74
C LEU A 297 16.32 12.20 22.82
N TYR A 298 15.61 11.41 23.63
CA TYR A 298 16.24 10.57 24.62
C TYR A 298 16.94 9.38 24.00
N TYR A 299 16.39 8.77 22.93
CA TYR A 299 17.04 7.66 22.21
C TYR A 299 17.31 8.17 20.80
N PRO A 300 18.37 9.00 20.65
CA PRO A 300 18.57 9.73 19.39
C PRO A 300 18.89 8.93 18.11
N SER A 301 19.37 7.68 18.27
CA SER A 301 19.67 6.83 17.11
C SER A 301 18.47 5.90 16.73
N ALA A 302 17.51 5.75 17.66
CA ALA A 302 16.33 4.92 17.48
C ALA A 302 15.39 5.36 16.34
N ARG A 303 14.99 4.39 15.52
CA ARG A 303 14.04 4.60 14.45
C ARG A 303 12.63 4.54 15.09
N ILE A 304 11.88 5.65 15.04
CA ILE A 304 10.55 5.68 15.66
C ILE A 304 9.45 5.83 14.63
N VAL A 305 8.50 4.91 14.73
CA VAL A 305 7.32 4.99 13.92
C VAL A 305 6.22 5.50 14.85
N TYR A 306 5.62 6.62 14.46
CA TYR A 306 4.58 7.30 15.19
C TYR A 306 3.29 7.03 14.47
N THR A 307 2.35 6.42 15.17
CA THR A 307 1.07 6.04 14.62
C THR A 307 -0.09 6.45 15.54
N ALA A 308 -1.30 6.54 14.96
CA ALA A 308 -2.59 6.88 15.57
C ALA A 308 -3.71 6.57 14.55
N CYS A 309 -4.96 6.44 15.00
CA CYS A 309 -6.05 6.09 14.07
C CYS A 309 -6.38 7.21 13.09
N SER A 310 -6.36 8.46 13.58
CA SER A 310 -6.76 9.59 12.76
C SER A 310 -5.60 10.40 12.14
N HIS A 311 -5.92 11.10 11.05
CA HIS A 311 -4.97 11.99 10.41
C HIS A 311 -4.69 13.16 11.34
N ALA A 312 -5.72 13.70 12.03
CA ALA A 312 -5.51 14.79 12.99
C ALA A 312 -4.51 14.39 14.11
N ALA A 313 -4.63 13.16 14.66
CA ALA A 313 -3.71 12.69 15.70
C ALA A 313 -2.29 12.56 15.21
N VAL A 314 -2.11 12.02 13.98
CA VAL A 314 -0.79 11.86 13.36
C VAL A 314 -0.15 13.24 13.09
N ASP A 315 -0.97 14.21 12.58
CA ASP A 315 -0.61 15.62 12.29
C ASP A 315 -0.18 16.39 13.55
N ALA A 316 -0.84 16.13 14.68
CA ALA A 316 -0.46 16.75 15.94
C ALA A 316 0.93 16.23 16.39
N LEU A 317 1.27 14.94 16.08
CA LEU A 317 2.60 14.40 16.39
C LEU A 317 3.66 15.00 15.42
N CYS A 318 3.27 15.23 14.15
CA CYS A 318 4.09 15.86 13.11
C CYS A 318 4.45 17.31 13.52
N GLU A 319 3.45 18.08 14.03
CA GLU A 319 3.65 19.45 14.47
C GLU A 319 4.65 19.54 15.60
N LYS A 320 4.54 18.65 16.59
CA LYS A 320 5.48 18.61 17.69
C LYS A 320 6.88 18.19 17.20
N ALA A 321 6.97 17.22 16.26
CA ALA A 321 8.27 16.78 15.71
C ALA A 321 8.96 17.83 14.84
N LEU A 322 8.19 18.67 14.17
CA LEU A 322 8.70 19.74 13.34
C LEU A 322 9.52 20.75 14.20
N LYS A 323 9.13 20.92 15.48
CA LYS A 323 9.75 21.82 16.44
C LYS A 323 11.03 21.22 17.10
N TYR A 324 11.10 19.88 17.29
CA TYR A 324 12.24 19.29 18.02
C TYR A 324 13.14 18.35 17.23
N LEU A 325 12.60 17.68 16.22
CA LEU A 325 13.34 16.69 15.46
C LEU A 325 13.76 17.20 14.08
N PRO A 326 14.91 16.71 13.55
CA PRO A 326 15.35 17.15 12.21
C PRO A 326 14.40 16.73 11.11
N ILE A 327 13.85 17.72 10.35
CA ILE A 327 12.85 17.57 9.27
C ILE A 327 13.30 16.58 8.17
N ASP A 328 14.60 16.47 7.89
CA ASP A 328 15.12 15.53 6.89
C ASP A 328 15.06 14.07 7.34
N LYS A 329 14.99 13.80 8.65
CA LYS A 329 14.83 12.43 9.14
C LYS A 329 13.35 12.05 9.37
N CYS A 330 12.41 12.93 8.96
CA CYS A 330 10.97 12.74 9.12
C CYS A 330 10.25 12.50 7.81
N SER A 331 9.19 11.72 7.89
CA SER A 331 8.36 11.44 6.73
C SER A 331 6.91 11.18 7.14
N ARG A 332 5.99 11.89 6.50
CA ARG A 332 4.57 11.73 6.71
C ARG A 332 4.00 10.77 5.62
N ILE A 333 3.61 9.52 5.99
CA ILE A 333 3.08 8.52 5.05
C ILE A 333 1.64 8.86 4.73
N ILE A 334 1.33 9.07 3.45
CA ILE A 334 -0.01 9.42 2.99
C ILE A 334 -0.50 8.32 2.06
N PRO A 335 -1.66 7.69 2.38
CA PRO A 335 -2.19 6.65 1.50
C PRO A 335 -2.59 7.22 0.15
N ALA A 336 -2.32 6.47 -0.92
CA ALA A 336 -2.61 6.86 -2.31
C ALA A 336 -4.05 7.39 -2.46
N ARG A 337 -5.03 6.80 -1.72
CA ARG A 337 -6.40 7.30 -1.69
C ARG A 337 -6.40 8.45 -0.67
N ALA A 338 -5.85 9.61 -1.07
CA ALA A 338 -5.72 10.79 -0.24
C ALA A 338 -7.12 11.34 0.06
N ARG A 339 -7.69 10.89 1.20
CA ARG A 339 -9.03 11.25 1.69
C ARG A 339 -9.10 12.76 2.00
N VAL A 340 -8.58 13.22 3.17
CA VAL A 340 -8.59 14.65 3.50
C VAL A 340 -7.14 15.20 3.64
N GLU A 341 -7.00 16.54 3.66
CA GLU A 341 -5.74 17.26 3.78
C GLU A 341 -5.01 17.01 5.10
N CYS A 342 -3.73 16.66 5.02
CA CYS A 342 -2.93 16.44 6.21
C CYS A 342 -1.53 17.14 6.14
N PHE A 343 -0.66 16.90 7.12
CA PHE A 343 0.67 17.48 7.27
C PHE A 343 1.47 17.47 5.99
N ASP A 344 1.83 18.69 5.50
CA ASP A 344 2.54 19.00 4.24
C ASP A 344 4.04 19.41 4.37
N LYS A 345 4.70 19.28 5.55
CA LYS A 345 6.11 19.73 5.68
C LYS A 345 7.18 18.63 5.59
N PHE A 346 6.86 17.35 5.87
CA PHE A 346 7.87 16.29 5.77
C PHE A 346 7.89 15.72 4.36
N LYS A 347 8.99 15.00 3.99
CA LYS A 347 9.03 14.33 2.67
C LYS A 347 7.95 13.21 2.71
N VAL A 348 7.03 13.22 1.74
CA VAL A 348 5.91 12.27 1.73
C VAL A 348 6.30 10.88 1.21
N ASN A 349 5.82 9.82 1.91
CA ASN A 349 5.94 8.39 1.55
C ASN A 349 7.36 7.85 1.57
N SER A 350 8.29 8.49 2.31
CA SER A 350 9.64 7.96 2.43
C SER A 350 9.63 7.06 3.67
N THR A 351 9.11 5.85 3.49
CA THR A 351 8.96 4.80 4.50
C THR A 351 10.24 4.50 5.32
N LEU A 352 11.42 4.73 4.75
CA LEU A 352 12.68 4.40 5.42
C LEU A 352 13.31 5.52 6.26
N GLU A 353 12.69 6.72 6.35
CA GLU A 353 13.25 7.79 7.18
C GLU A 353 13.23 7.37 8.66
N GLN A 354 14.13 7.93 9.49
CA GLN A 354 14.23 7.60 10.91
C GLN A 354 12.90 7.77 11.67
N TYR A 355 12.14 8.80 11.31
CA TYR A 355 10.85 9.13 11.92
C TYR A 355 9.76 9.04 10.87
N VAL A 356 8.81 8.14 11.09
CA VAL A 356 7.72 7.90 10.17
C VAL A 356 6.39 8.15 10.87
N PHE A 357 5.63 9.09 10.37
CA PHE A 357 4.34 9.45 10.96
C PHE A 357 3.29 8.96 9.99
N CYS A 358 2.39 8.09 10.47
CA CYS A 358 1.43 7.44 9.61
C CYS A 358 0.18 6.95 10.35
N THR A 359 -1.00 7.05 9.72
CA THR A 359 -2.22 6.51 10.32
C THR A 359 -2.17 4.95 10.36
N VAL A 360 -2.95 4.29 11.24
CA VAL A 360 -2.95 2.82 11.36
C VAL A 360 -3.26 2.10 10.03
N ASN A 361 -4.33 2.51 9.28
CA ASN A 361 -4.69 1.85 8.01
C ASN A 361 -3.69 2.04 6.88
N ALA A 362 -2.83 3.07 6.94
CA ALA A 362 -1.83 3.31 5.87
C ALA A 362 -0.43 2.73 6.19
N LEU A 363 -0.27 2.11 7.37
CA LEU A 363 1.02 1.58 7.81
C LEU A 363 1.61 0.58 6.87
N PRO A 364 2.89 0.76 6.53
CA PRO A 364 3.56 -0.26 5.71
C PRO A 364 4.07 -1.41 6.57
N GLU A 365 4.58 -2.46 5.92
CA GLU A 365 5.16 -3.59 6.63
C GLU A 365 6.60 -3.23 6.88
N THR A 366 6.91 -2.85 8.12
CA THR A 366 8.24 -2.41 8.49
C THR A 366 8.58 -2.76 9.97
N THR A 367 9.82 -2.47 10.39
CA THR A 367 10.26 -2.67 11.75
C THR A 367 10.71 -1.32 12.33
N ALA A 368 10.78 -1.24 13.67
CA ALA A 368 11.20 -0.01 14.34
C ALA A 368 11.83 -0.31 15.70
N ASP A 369 12.65 0.62 16.20
CA ASP A 369 13.21 0.47 17.54
C ASP A 369 12.06 0.78 18.55
N ILE A 370 11.26 1.82 18.24
CA ILE A 370 10.08 2.18 19.02
C ILE A 370 8.90 2.47 18.10
N VAL A 371 7.73 1.98 18.52
CA VAL A 371 6.48 2.33 17.89
C VAL A 371 5.70 3.12 18.94
N VAL A 372 5.31 4.35 18.61
CA VAL A 372 4.49 5.16 19.52
C VAL A 372 3.09 5.16 18.89
N PHE A 373 2.09 4.64 19.60
CA PHE A 373 0.69 4.64 19.19
C PHE A 373 -0.02 5.67 20.12
N ASP A 374 -0.41 6.82 19.55
CA ASP A 374 -1.06 7.90 20.30
C ASP A 374 -2.60 7.83 20.21
N GLU A 375 -3.30 8.56 21.11
CA GLU A 375 -4.75 8.65 21.18
C GLU A 375 -5.35 7.23 21.30
N ILE A 376 -4.87 6.48 22.31
CA ILE A 376 -5.21 5.08 22.50
C ILE A 376 -6.68 4.86 22.86
N SER A 377 -7.39 5.83 23.47
CA SER A 377 -8.82 5.61 23.75
C SER A 377 -9.62 5.42 22.43
N MET A 378 -9.17 6.04 21.32
CA MET A 378 -9.80 5.96 20.00
C MET A 378 -9.45 4.71 19.17
N ALA A 379 -8.63 3.82 19.70
CA ALA A 379 -8.28 2.59 19.00
C ALA A 379 -9.25 1.50 19.34
N THR A 380 -9.52 0.65 18.36
CA THR A 380 -10.31 -0.56 18.56
C THR A 380 -9.27 -1.70 18.73
N ASN A 381 -9.73 -2.88 19.12
CA ASN A 381 -8.84 -4.03 19.19
C ASN A 381 -8.35 -4.43 17.79
N TYR A 382 -9.18 -4.14 16.74
CA TYR A 382 -8.84 -4.35 15.33
C TYR A 382 -7.59 -3.50 15.00
N ASP A 383 -7.59 -2.18 15.39
CA ASP A 383 -6.43 -1.27 15.21
C ASP A 383 -5.21 -1.76 16.01
N LEU A 384 -5.41 -2.20 17.28
CA LEU A 384 -4.34 -2.73 18.11
C LEU A 384 -3.64 -3.92 17.44
N SER A 385 -4.43 -4.86 16.88
CA SER A 385 -3.93 -6.04 16.18
C SER A 385 -3.19 -5.70 14.88
N VAL A 386 -3.76 -4.80 14.03
CA VAL A 386 -3.17 -4.33 12.76
C VAL A 386 -1.77 -3.75 12.96
N VAL A 387 -1.62 -2.89 13.97
CA VAL A 387 -0.33 -2.31 14.29
C VAL A 387 0.71 -3.42 14.63
N ASN A 388 0.31 -4.46 15.38
CA ASN A 388 1.23 -5.54 15.71
C ASN A 388 1.62 -6.41 14.46
N ALA A 389 0.74 -6.43 13.43
CA ALA A 389 0.95 -7.18 12.20
C ALA A 389 1.81 -6.44 11.17
N ARG A 390 1.69 -5.12 11.06
CA ARG A 390 2.51 -4.36 10.09
C ARG A 390 3.84 -3.86 10.68
N LEU A 391 3.90 -3.72 12.01
CA LEU A 391 5.10 -3.22 12.67
C LEU A 391 5.69 -4.19 13.69
N ARG A 392 6.94 -4.67 13.46
CA ARG A 392 7.62 -5.50 14.45
C ARG A 392 8.65 -4.59 15.15
N ALA A 393 8.36 -4.18 16.41
CA ALA A 393 9.21 -3.25 17.14
C ALA A 393 9.91 -3.80 18.39
N LYS A 394 11.06 -3.20 18.76
CA LYS A 394 11.72 -3.61 20.01
C LYS A 394 10.85 -3.15 21.21
N HIS A 395 10.22 -1.95 21.07
CA HIS A 395 9.38 -1.31 22.07
C HIS A 395 8.15 -0.66 21.50
N TYR A 396 7.03 -0.80 22.19
CA TYR A 396 5.75 -0.22 21.79
C TYR A 396 5.26 0.69 22.93
N VAL A 397 4.87 1.90 22.59
CA VAL A 397 4.37 2.85 23.58
C VAL A 397 2.97 3.28 23.21
N TYR A 398 2.03 3.04 24.12
CA TYR A 398 0.63 3.37 23.92
C TYR A 398 0.30 4.55 24.77
N ILE A 399 0.00 5.66 24.11
CA ILE A 399 -0.30 6.92 24.78
C ILE A 399 -1.75 7.32 24.53
N GLY A 400 -2.39 7.81 25.58
CA GLY A 400 -3.76 8.26 25.50
C GLY A 400 -4.35 8.44 26.88
N ASP A 401 -5.68 8.36 26.96
CA ASP A 401 -6.36 8.56 28.22
C ASP A 401 -7.73 7.88 28.18
N PRO A 402 -7.93 6.84 29.02
CA PRO A 402 -9.24 6.19 29.08
C PRO A 402 -10.39 7.08 29.57
N ALA A 403 -10.09 8.29 30.06
CA ALA A 403 -11.08 9.30 30.45
C ALA A 403 -11.48 10.21 29.27
N GLN A 404 -10.92 9.97 28.08
CA GLN A 404 -11.30 10.68 26.90
C GLN A 404 -12.19 9.77 26.03
N LEU A 405 -12.60 10.28 24.89
CA LEU A 405 -13.52 9.59 24.01
C LEU A 405 -12.98 8.35 23.27
N PRO A 406 -13.84 7.29 23.18
CA PRO A 406 -13.46 6.10 22.42
C PRO A 406 -13.87 6.22 20.93
N ALA A 407 -13.47 5.21 20.10
CA ALA A 407 -13.87 5.14 18.70
C ALA A 407 -15.37 4.92 18.66
N PRO A 408 -16.08 5.63 17.77
CA PRO A 408 -17.56 5.41 17.71
C PRO A 408 -17.90 3.98 17.29
N ARG A 409 -18.82 3.35 18.00
CA ARG A 409 -19.26 1.99 17.72
C ARG A 409 -20.61 2.11 17.08
N THR A 410 -20.63 2.19 15.74
CA THR A 410 -21.84 2.41 14.94
C THR A 410 -22.96 1.41 15.22
N LEU A 411 -22.64 0.16 15.56
CA LEU A 411 -23.70 -0.83 15.82
C LEU A 411 -24.28 -0.73 17.21
N LEU A 412 -23.50 -0.23 18.19
CA LEU A 412 -23.93 -0.17 19.57
C LEU A 412 -24.99 0.87 19.85
N THR A 413 -26.21 0.41 20.20
CA THR A 413 -27.36 1.24 20.49
C THR A 413 -27.92 1.01 21.90
N LYS A 414 -27.62 -0.11 22.53
CA LYS A 414 -28.16 -0.45 23.84
C LYS A 414 -27.06 -0.63 24.89
N GLY A 415 -27.04 0.21 25.92
CA GLY A 415 -26.04 0.15 26.96
C GLY A 415 -24.92 1.12 26.71
N THR A 416 -24.11 1.34 27.73
CA THR A 416 -22.98 2.26 27.62
C THR A 416 -21.66 1.52 27.72
N LEU A 417 -20.75 1.86 26.82
CA LEU A 417 -19.43 1.27 26.82
C LEU A 417 -18.47 1.99 27.79
N GLU A 418 -18.16 1.33 28.91
CA GLU A 418 -17.24 1.87 29.91
C GLU A 418 -15.77 1.83 29.44
N PRO A 419 -14.93 2.82 29.91
CA PRO A 419 -13.52 2.92 29.45
C PRO A 419 -12.67 1.66 29.54
N GLU A 420 -12.84 0.84 30.58
CA GLU A 420 -12.08 -0.41 30.67
C GLU A 420 -12.41 -1.40 29.51
N TYR A 421 -13.45 -1.12 28.73
CA TYR A 421 -13.84 -1.97 27.63
C TYR A 421 -13.58 -1.32 26.25
N PHE A 422 -12.86 -0.17 26.19
CA PHE A 422 -12.59 0.51 24.92
C PHE A 422 -11.67 -0.33 24.04
N ASN A 423 -10.64 -0.88 24.63
CA ASN A 423 -9.67 -1.74 23.96
C ASN A 423 -8.79 -2.40 25.03
N SER A 424 -7.85 -3.29 24.65
CA SER A 424 -6.96 -3.99 25.59
C SER A 424 -6.09 -3.05 26.43
N VAL A 425 -5.56 -1.98 25.78
CA VAL A 425 -4.70 -0.99 26.41
C VAL A 425 -5.51 -0.22 27.48
N CYS A 426 -6.73 0.25 27.11
CA CYS A 426 -7.61 0.93 28.06
C CYS A 426 -8.00 0.02 29.17
N ARG A 427 -8.25 -1.27 28.87
CA ARG A 427 -8.59 -2.25 29.88
C ARG A 427 -7.48 -2.35 30.93
N LEU A 428 -6.23 -2.43 30.47
CA LEU A 428 -5.09 -2.46 31.38
C LEU A 428 -5.02 -1.19 32.24
N MET A 429 -5.06 0.03 31.61
CA MET A 429 -4.99 1.31 32.34
C MET A 429 -6.07 1.48 33.40
N LYS A 430 -7.22 0.88 33.20
CA LYS A 430 -8.33 0.99 34.14
C LYS A 430 -8.34 -0.10 35.20
N THR A 431 -7.68 -1.24 34.95
CA THR A 431 -7.66 -2.35 35.92
C THR A 431 -6.35 -2.33 36.76
N ILE A 432 -5.20 -2.54 36.12
CA ILE A 432 -3.91 -2.55 36.81
C ILE A 432 -3.21 -1.17 36.82
N GLY A 433 -3.87 -0.13 36.28
CA GLY A 433 -3.32 1.20 36.19
C GLY A 433 -2.32 1.34 35.06
N PRO A 434 -2.05 2.58 34.63
CA PRO A 434 -1.07 2.78 33.57
C PRO A 434 0.36 2.67 34.13
N ASP A 435 1.32 2.39 33.25
CA ASP A 435 2.72 2.31 33.67
C ASP A 435 3.22 3.71 34.07
N MET A 436 2.76 4.73 33.32
CA MET A 436 3.16 6.11 33.52
C MET A 436 1.92 7.01 33.46
N PHE A 437 1.87 8.03 34.32
CA PHE A 437 0.77 9.00 34.38
C PHE A 437 1.32 10.43 34.41
N LEU A 438 0.91 11.29 33.44
CA LEU A 438 1.34 12.70 33.42
C LEU A 438 0.36 13.49 34.34
N GLY A 439 0.80 13.79 35.56
CA GLY A 439 -0.05 14.36 36.59
C GLY A 439 -0.34 15.85 36.60
N THR A 440 0.37 16.64 35.78
CA THR A 440 0.14 18.09 35.81
C THR A 440 -0.45 18.63 34.51
N CYS A 441 -1.68 19.15 34.59
CA CYS A 441 -2.30 19.79 33.43
C CYS A 441 -1.77 21.20 33.27
N ARG A 442 -1.12 21.47 32.16
CA ARG A 442 -0.56 22.79 31.89
C ARG A 442 -1.42 23.65 30.98
N ARG A 443 -2.54 23.13 30.48
CA ARG A 443 -3.36 23.89 29.54
C ARG A 443 -4.43 24.70 30.17
N CYS A 444 -5.18 24.10 31.08
CA CYS A 444 -6.42 24.68 31.53
C CYS A 444 -6.34 25.53 32.74
N PRO A 445 -7.22 26.58 32.80
CA PRO A 445 -7.36 27.32 34.05
C PRO A 445 -7.71 26.32 35.18
N ALA A 446 -7.25 26.56 36.40
CA ALA A 446 -7.49 25.63 37.51
C ALA A 446 -8.96 25.24 37.78
N GLU A 447 -9.97 26.08 37.43
CA GLU A 447 -11.38 25.73 37.63
C GLU A 447 -11.74 24.45 36.89
N ILE A 448 -11.27 24.35 35.62
CA ILE A 448 -11.44 23.20 34.76
C ILE A 448 -10.64 22.01 35.26
N VAL A 449 -9.34 22.21 35.58
CA VAL A 449 -8.52 21.12 36.06
C VAL A 449 -9.10 20.48 37.35
N ASP A 450 -9.57 21.28 38.30
CA ASP A 450 -10.13 20.75 39.55
C ASP A 450 -11.46 20.02 39.32
N THR A 451 -12.27 20.50 38.35
CA THR A 451 -13.54 19.86 38.01
C THR A 451 -13.33 18.44 37.41
N VAL A 452 -12.49 18.31 36.35
CA VAL A 452 -12.22 17.01 35.72
C VAL A 452 -11.38 16.10 36.62
N SER A 453 -10.49 16.69 37.45
CA SER A 453 -9.68 15.92 38.40
C SER A 453 -10.60 15.14 39.34
N ALA A 454 -11.64 15.79 39.89
CA ALA A 454 -12.60 15.11 40.77
C ALA A 454 -13.55 14.17 39.98
N LEU A 455 -13.93 14.56 38.76
CA LEU A 455 -14.84 13.83 37.89
C LEU A 455 -14.30 12.51 37.34
N VAL A 456 -13.10 12.50 36.71
CA VAL A 456 -12.59 11.30 36.06
C VAL A 456 -11.18 10.88 36.43
N TYR A 457 -10.45 11.65 37.24
CA TYR A 457 -9.06 11.30 37.56
C TYR A 457 -8.78 10.99 39.02
N ASP A 458 -9.85 10.72 39.82
CA ASP A 458 -9.78 10.42 41.24
C ASP A 458 -8.91 11.40 42.06
N ASN A 459 -8.96 12.69 41.71
CA ASN A 459 -8.24 13.79 42.33
C ASN A 459 -6.72 13.73 42.15
N LYS A 460 -6.25 13.01 41.14
CA LYS A 460 -4.81 12.87 40.88
C LYS A 460 -4.28 13.83 39.82
N LEU A 461 -5.17 14.59 39.15
CA LEU A 461 -4.72 15.57 38.17
C LEU A 461 -4.55 16.96 38.86
N LYS A 462 -3.37 17.56 38.71
CA LYS A 462 -3.06 18.85 39.34
C LYS A 462 -3.03 20.00 38.34
N ALA A 463 -3.40 21.21 38.78
CA ALA A 463 -3.39 22.37 37.89
C ALA A 463 -2.08 23.07 37.95
N HIS A 464 -1.52 23.40 36.80
CA HIS A 464 -0.31 24.22 36.75
C HIS A 464 -0.75 25.69 36.69
N LYS A 465 -1.75 26.00 35.86
CA LYS A 465 -2.27 27.34 35.78
C LYS A 465 -3.06 27.66 37.05
N ASP A 466 -3.20 28.96 37.29
CA ASP A 466 -4.00 29.50 38.36
C ASP A 466 -5.46 29.44 37.83
N LYS A 467 -6.45 29.73 38.69
CA LYS A 467 -7.83 29.89 38.26
C LYS A 467 -7.84 31.16 37.35
N SER A 468 -8.42 31.06 36.16
CA SER A 468 -8.45 32.18 35.24
C SER A 468 -9.51 33.25 35.60
N ALA A 469 -10.52 32.87 36.42
CA ALA A 469 -11.74 33.65 36.73
C ALA A 469 -12.52 34.02 35.46
N GLN A 470 -12.39 33.15 34.42
CA GLN A 470 -13.06 33.26 33.13
C GLN A 470 -13.77 31.93 32.80
N CYS A 471 -14.21 31.17 33.82
CA CYS A 471 -14.89 29.91 33.61
C CYS A 471 -16.25 30.08 34.19
N PHE A 472 -17.27 30.08 33.33
CA PHE A 472 -18.66 30.35 33.70
C PHE A 472 -19.57 29.17 33.40
N LYS A 473 -20.64 29.08 34.17
CA LYS A 473 -21.61 28.04 34.01
C LYS A 473 -22.99 28.64 34.16
N MET A 474 -23.92 28.18 33.32
CA MET A 474 -25.29 28.65 33.36
C MET A 474 -26.19 27.47 33.26
N PHE A 475 -27.18 27.38 34.16
CA PHE A 475 -28.08 26.26 34.14
C PHE A 475 -29.31 26.72 33.34
N TYR A 476 -29.44 26.25 32.12
CA TYR A 476 -30.51 26.69 31.23
C TYR A 476 -30.95 25.56 30.32
N LYS A 477 -32.08 24.91 30.61
CA LYS A 477 -32.53 23.77 29.81
C LYS A 477 -33.00 24.15 28.39
N GLY A 478 -33.50 25.37 28.21
CA GLY A 478 -33.95 25.83 26.91
C GLY A 478 -35.08 25.02 26.31
N VAL A 479 -34.99 24.78 25.00
CA VAL A 479 -35.98 24.04 24.23
C VAL A 479 -35.23 23.09 23.32
N ILE A 480 -35.52 21.78 23.43
CA ILE A 480 -34.85 20.80 22.63
C ILE A 480 -35.65 20.46 21.40
N THR A 481 -35.10 20.75 20.24
CA THR A 481 -35.72 20.38 18.97
C THR A 481 -34.80 19.33 18.33
N HIS A 482 -35.26 18.65 17.27
CA HIS A 482 -34.43 17.63 16.63
C HIS A 482 -34.44 17.71 15.09
N ASP A 483 -33.28 17.42 14.49
CA ASP A 483 -32.97 17.33 13.06
C ASP A 483 -32.75 15.82 12.92
N VAL A 484 -33.86 15.11 12.73
CA VAL A 484 -33.93 13.66 12.71
C VAL A 484 -33.66 13.23 14.18
N SER A 485 -32.41 12.93 14.56
CA SER A 485 -32.07 12.62 15.95
C SER A 485 -30.98 13.54 16.53
N SER A 486 -30.21 14.24 15.64
CA SER A 486 -29.21 15.20 16.08
C SER A 486 -30.04 16.39 16.64
N ALA A 487 -29.72 16.81 17.86
CA ALA A 487 -30.45 17.77 18.65
C ALA A 487 -30.01 19.21 18.48
N ILE A 488 -30.95 20.12 18.67
CA ILE A 488 -30.77 21.55 18.60
C ILE A 488 -31.43 22.18 19.84
N ASN A 489 -30.83 23.24 20.36
CA ASN A 489 -31.33 24.05 21.46
C ASN A 489 -31.13 25.52 21.05
N ARG A 490 -32.12 26.08 20.35
CA ARG A 490 -32.04 27.49 19.95
C ARG A 490 -31.99 28.45 21.17
N PRO A 491 -32.80 28.25 22.22
CA PRO A 491 -32.67 29.10 23.42
C PRO A 491 -31.25 29.07 24.07
N GLN A 492 -30.56 27.91 24.11
CA GLN A 492 -29.19 27.88 24.64
C GLN A 492 -28.24 28.74 23.79
N ILE A 493 -28.43 28.74 22.45
CA ILE A 493 -27.67 29.58 21.52
C ILE A 493 -28.04 31.09 21.69
N GLY A 494 -29.29 31.38 22.03
CA GLY A 494 -29.75 32.73 22.29
C GLY A 494 -29.08 33.30 23.53
N VAL A 495 -28.92 32.45 24.56
CA VAL A 495 -28.21 32.83 25.78
C VAL A 495 -26.72 33.18 25.46
N VAL A 496 -26.09 32.43 24.54
CA VAL A 496 -24.72 32.64 24.12
C VAL A 496 -24.60 33.97 23.36
N ARG A 497 -25.58 34.27 22.53
CA ARG A 497 -25.63 35.53 21.82
C ARG A 497 -25.72 36.72 22.83
N GLU A 498 -26.60 36.62 23.84
CA GLU A 498 -26.73 37.68 24.85
C GLU A 498 -25.45 37.87 25.64
N PHE A 499 -24.72 36.74 25.89
CA PHE A 499 -23.46 36.71 26.60
C PHE A 499 -22.35 37.38 25.75
N LEU A 500 -22.27 37.07 24.44
CA LEU A 500 -21.26 37.63 23.55
C LEU A 500 -21.32 39.16 23.46
N THR A 501 -22.54 39.74 23.41
CA THR A 501 -22.70 41.19 23.33
C THR A 501 -22.11 41.86 24.59
N ARG A 502 -22.30 41.23 25.76
CA ARG A 502 -21.82 41.70 27.06
C ARG A 502 -20.34 41.35 27.31
N ASN A 503 -19.78 40.37 26.57
CA ASN A 503 -18.41 39.89 26.76
C ASN A 503 -17.74 39.77 25.38
N PRO A 504 -17.53 40.92 24.69
CA PRO A 504 -16.98 40.87 23.31
C PRO A 504 -15.60 40.22 23.18
N ALA A 505 -14.82 40.11 24.27
CA ALA A 505 -13.54 39.39 24.20
C ALA A 505 -13.77 37.91 23.79
N TRP A 506 -14.96 37.37 24.12
CA TRP A 506 -15.35 36.02 23.77
C TRP A 506 -15.67 35.83 22.30
N ARG A 507 -15.47 36.89 21.45
CA ARG A 507 -15.66 36.86 20.00
C ARG A 507 -14.73 35.85 19.33
N LYS A 508 -13.58 35.59 19.95
CA LYS A 508 -12.58 34.66 19.47
C LYS A 508 -12.81 33.20 20.05
N ALA A 509 -14.03 32.90 20.55
CA ALA A 509 -14.32 31.57 21.10
C ALA A 509 -14.76 30.55 20.05
N VAL A 510 -14.42 29.28 20.32
CA VAL A 510 -14.86 28.14 19.55
C VAL A 510 -16.10 27.69 20.22
N PHE A 511 -17.19 27.50 19.46
CA PHE A 511 -18.45 26.98 19.95
C PHE A 511 -18.35 25.45 19.90
N ILE A 512 -18.65 24.78 21.00
CA ILE A 512 -18.62 23.33 21.09
C ILE A 512 -19.94 22.80 21.63
N SER A 513 -20.42 21.69 21.07
CA SER A 513 -21.63 21.03 21.54
C SER A 513 -21.55 19.53 21.19
N PRO A 514 -22.33 18.68 21.88
CA PRO A 514 -22.29 17.25 21.53
C PRO A 514 -23.02 16.91 20.21
N TYR A 515 -23.66 17.88 19.55
CA TYR A 515 -24.45 17.64 18.35
C TYR A 515 -24.06 18.49 17.18
N ASN A 516 -23.94 17.85 16.03
CA ASN A 516 -23.71 18.47 14.74
C ASN A 516 -24.73 19.55 14.40
N SER A 517 -26.02 19.28 14.65
CA SER A 517 -27.06 20.19 14.27
C SER A 517 -27.13 21.41 15.16
N GLN A 518 -26.73 21.29 16.44
CA GLN A 518 -26.62 22.43 17.34
C GLN A 518 -25.52 23.37 16.80
N ASN A 519 -24.37 22.78 16.41
CA ASN A 519 -23.21 23.46 15.83
C ASN A 519 -23.55 24.20 14.53
N ALA A 520 -24.39 23.60 13.68
CA ALA A 520 -24.82 24.23 12.41
C ALA A 520 -25.69 25.44 12.69
N VAL A 521 -26.58 25.33 13.69
CA VAL A 521 -27.44 26.45 14.06
C VAL A 521 -26.60 27.57 14.68
N ALA A 522 -25.66 27.22 15.57
CA ALA A 522 -24.80 28.21 16.23
C ALA A 522 -23.82 28.88 15.26
N SER A 523 -23.43 28.20 14.17
CA SER A 523 -22.51 28.77 13.20
C SER A 523 -23.15 29.92 12.45
N LYS A 524 -24.44 29.77 12.12
CA LYS A 524 -25.22 30.78 11.42
C LYS A 524 -25.60 31.96 12.36
N ILE A 525 -26.07 31.65 13.58
CA ILE A 525 -26.50 32.67 14.54
C ILE A 525 -25.35 33.41 15.23
N LEU A 526 -24.30 32.70 15.64
CA LEU A 526 -23.20 33.30 16.36
C LEU A 526 -22.02 33.71 15.49
N GLY A 527 -21.79 32.96 14.43
CA GLY A 527 -20.66 33.21 13.56
C GLY A 527 -19.33 32.71 14.10
N LEU A 528 -19.34 32.02 15.27
CA LEU A 528 -18.13 31.45 15.87
C LEU A 528 -17.77 30.16 15.13
N PRO A 529 -16.46 29.80 15.06
CA PRO A 529 -16.11 28.46 14.52
C PRO A 529 -16.72 27.38 15.43
N THR A 530 -17.16 26.28 14.83
CA THR A 530 -17.85 25.21 15.53
C THR A 530 -17.04 23.93 15.57
N GLN A 531 -17.37 23.08 16.54
CA GLN A 531 -16.70 21.81 16.71
C GLN A 531 -17.54 20.91 17.60
N THR A 532 -17.63 19.61 17.31
CA THR A 532 -18.37 18.71 18.22
C THR A 532 -17.36 18.31 19.25
N VAL A 533 -17.80 17.82 20.42
CA VAL A 533 -16.86 17.37 21.46
C VAL A 533 -15.90 16.31 20.92
N ASP A 534 -16.44 15.33 20.16
CA ASP A 534 -15.67 14.25 19.52
C ASP A 534 -14.62 14.78 18.55
N SER A 535 -14.94 15.80 17.73
CA SER A 535 -13.93 16.37 16.81
C SER A 535 -12.95 17.39 17.50
N SER A 536 -13.31 17.88 18.69
CA SER A 536 -12.45 18.80 19.43
C SER A 536 -11.32 18.05 20.16
N GLN A 537 -11.47 16.73 20.42
CA GLN A 537 -10.46 15.92 21.10
C GLN A 537 -9.06 16.09 20.49
N GLY A 538 -8.10 16.38 21.36
CA GLY A 538 -6.71 16.64 20.97
C GLY A 538 -6.39 18.10 20.69
N SER A 539 -7.43 18.95 20.46
CA SER A 539 -7.29 20.38 20.15
C SER A 539 -7.43 21.28 21.37
N GLU A 540 -6.88 22.49 21.29
CA GLU A 540 -7.00 23.46 22.37
C GLU A 540 -7.25 24.82 21.81
N TYR A 541 -8.04 25.60 22.54
CA TYR A 541 -8.46 26.94 22.14
C TYR A 541 -8.45 27.84 23.37
N ASP A 542 -8.21 29.15 23.20
CA ASP A 542 -8.22 30.09 24.33
C ASP A 542 -9.57 30.11 25.01
N TYR A 543 -10.63 30.27 24.23
CA TYR A 543 -11.96 30.34 24.77
C TYR A 543 -12.86 29.34 24.11
N VAL A 544 -13.69 28.73 24.93
CA VAL A 544 -14.61 27.72 24.49
C VAL A 544 -15.99 28.09 24.99
N ILE A 545 -17.00 27.95 24.14
CA ILE A 545 -18.39 28.12 24.54
C ILE A 545 -19.06 26.79 24.27
N PHE A 546 -19.46 26.10 25.35
CA PHE A 546 -20.09 24.80 25.29
C PHE A 546 -21.58 24.90 25.62
N THR A 547 -22.45 24.34 24.76
CA THR A 547 -23.89 24.24 25.11
C THR A 547 -24.16 22.72 25.21
N GLN A 548 -24.62 22.23 26.37
CA GLN A 548 -24.90 20.80 26.54
C GLN A 548 -25.98 20.27 25.58
N THR A 549 -26.90 21.16 25.15
CA THR A 549 -28.03 20.96 24.21
C THR A 549 -29.16 20.11 24.81
N THR A 550 -28.85 18.89 25.31
CA THR A 550 -29.86 17.97 25.88
C THR A 550 -29.35 17.32 27.20
N GLU A 551 -30.20 16.49 27.82
CA GLU A 551 -29.92 15.69 29.00
C GLU A 551 -29.87 14.20 28.65
N THR A 552 -29.38 13.85 27.49
CA THR A 552 -29.26 12.44 27.08
C THR A 552 -28.02 11.77 27.71
N ALA A 553 -27.88 10.44 27.58
CA ALA A 553 -26.70 9.74 28.05
C ALA A 553 -25.45 10.17 27.21
N HIS A 554 -25.67 10.63 25.96
CA HIS A 554 -24.63 11.11 25.06
C HIS A 554 -24.06 12.45 25.55
N SER A 555 -24.93 13.43 25.82
CA SER A 555 -24.50 14.74 26.27
C SER A 555 -24.04 14.74 27.72
N CYS A 556 -24.43 13.73 28.53
CA CYS A 556 -24.01 13.58 29.93
C CYS A 556 -22.85 12.63 30.12
N ASN A 557 -22.32 12.04 29.03
CA ASN A 557 -21.19 11.12 29.15
C ASN A 557 -19.98 11.84 29.79
N VAL A 558 -19.47 11.30 30.94
CA VAL A 558 -18.43 11.99 31.64
C VAL A 558 -17.14 12.11 30.81
N ASN A 559 -16.83 11.14 29.91
CA ASN A 559 -15.63 11.24 29.06
C ASN A 559 -15.80 12.37 28.05
N ARG A 560 -17.00 12.51 27.48
CA ARG A 560 -17.33 13.56 26.52
C ARG A 560 -17.28 14.91 27.26
N PHE A 561 -17.86 15.00 28.50
CA PHE A 561 -17.85 16.22 29.30
C PHE A 561 -16.42 16.70 29.62
N ASN A 562 -15.56 15.74 30.06
CA ASN A 562 -14.15 15.92 30.35
C ASN A 562 -13.45 16.51 29.09
N VAL A 563 -13.65 15.91 27.91
CA VAL A 563 -13.02 16.42 26.68
C VAL A 563 -13.54 17.82 26.37
N ALA A 564 -14.86 18.03 26.48
CA ALA A 564 -15.45 19.32 26.19
C ALA A 564 -14.83 20.48 26.98
N ILE A 565 -14.70 20.34 28.33
CA ILE A 565 -14.25 21.44 29.15
C ILE A 565 -12.72 21.56 29.20
N THR A 566 -11.97 20.48 28.89
CA THR A 566 -10.51 20.53 28.85
C THR A 566 -9.96 21.04 27.49
N ARG A 567 -10.81 21.63 26.64
CA ARG A 567 -10.34 22.21 25.37
C ARG A 567 -9.79 23.65 25.58
N ALA A 568 -10.25 24.35 26.66
CA ALA A 568 -9.94 25.73 26.97
C ALA A 568 -8.63 25.97 27.70
N LYS A 569 -7.89 26.95 27.19
CA LYS A 569 -6.63 27.42 27.79
C LYS A 569 -6.90 28.57 28.74
N VAL A 570 -7.90 29.41 28.44
CA VAL A 570 -8.16 30.61 29.22
C VAL A 570 -9.54 30.66 29.89
N GLY A 571 -10.61 30.63 29.12
CA GLY A 571 -11.94 30.68 29.66
C GLY A 571 -12.90 29.75 28.97
N ILE A 572 -13.98 29.40 29.66
CA ILE A 572 -15.03 28.56 29.16
C ILE A 572 -16.39 29.07 29.65
N LEU A 573 -17.41 28.95 28.82
CA LEU A 573 -18.76 29.26 29.21
C LEU A 573 -19.51 27.92 28.99
N CYS A 574 -20.16 27.38 30.02
CA CYS A 574 -20.92 26.14 29.89
C CYS A 574 -22.36 26.40 30.10
N ILE A 575 -23.20 26.26 29.07
CA ILE A 575 -24.65 26.41 29.21
C ILE A 575 -25.10 24.96 29.39
N MET A 576 -25.46 24.58 30.60
CA MET A 576 -25.77 23.20 30.99
C MET A 576 -27.24 22.87 31.02
N SER A 577 -27.56 21.59 30.81
CA SER A 577 -28.91 21.01 30.84
C SER A 577 -29.07 20.05 32.04
N ASP A 578 -27.97 19.36 32.42
CA ASP A 578 -27.91 18.38 33.49
C ASP A 578 -27.51 19.04 34.81
N ARG A 579 -28.37 18.93 35.86
CA ARG A 579 -28.11 19.53 37.17
C ARG A 579 -26.83 18.97 37.76
N ASP A 580 -26.65 17.65 37.66
CA ASP A 580 -25.51 16.90 38.16
C ASP A 580 -24.19 17.49 37.64
N LEU A 581 -23.96 17.48 36.32
CA LEU A 581 -22.74 18.00 35.75
C LEU A 581 -22.58 19.50 36.01
N TYR A 582 -23.69 20.27 36.02
CA TYR A 582 -23.67 21.71 36.32
C TYR A 582 -23.12 21.93 37.74
N ASP A 583 -23.63 21.14 38.70
CA ASP A 583 -23.23 21.25 40.10
C ASP A 583 -21.78 20.86 40.33
N LYS A 584 -21.27 19.93 39.52
CA LYS A 584 -19.90 19.48 39.56
C LYS A 584 -18.94 20.51 38.96
N LEU A 585 -19.43 21.44 38.10
CA LEU A 585 -18.56 22.46 37.51
C LEU A 585 -18.14 23.51 38.57
N GLN A 586 -16.81 23.65 38.77
CA GLN A 586 -16.23 24.59 39.74
C GLN A 586 -15.99 25.91 39.05
N PHE A 587 -17.07 26.46 38.47
CA PHE A 587 -17.09 27.68 37.68
C PHE A 587 -17.98 28.70 38.39
N THR A 588 -17.83 29.95 38.01
CA THR A 588 -18.65 31.05 38.48
C THR A 588 -20.00 30.92 37.77
N SER A 589 -21.11 30.87 38.52
CA SER A 589 -22.41 30.80 37.89
C SER A 589 -22.88 32.19 37.41
N LEU A 590 -23.44 32.22 36.20
CA LEU A 590 -24.04 33.42 35.61
C LEU A 590 -25.57 33.28 35.77
N GLU A 591 -26.29 34.44 35.72
CA GLU A 591 -27.74 34.49 35.87
C GLU A 591 -28.43 34.89 34.55
N ILE A 592 -29.79 34.72 34.51
CA ILE A 592 -30.82 34.98 33.46
C ILE A 592 -31.39 33.62 33.03
N VAL B 2 23.44 1.95 11.55
CA VAL B 2 24.19 0.74 11.91
C VAL B 2 23.58 -0.53 11.27
N GLY B 3 24.42 -1.25 10.52
CA GLY B 3 24.07 -2.44 9.73
C GLY B 3 25.25 -3.17 9.10
N ALA B 4 24.98 -3.97 8.07
CA ALA B 4 25.96 -4.81 7.37
C ALA B 4 26.51 -4.22 6.07
N CYS B 5 27.81 -4.47 5.80
CA CYS B 5 28.54 -3.99 4.61
C CYS B 5 28.05 -4.67 3.31
N VAL B 6 27.92 -3.88 2.24
CA VAL B 6 27.51 -4.38 0.93
C VAL B 6 28.60 -5.16 0.21
N LEU B 7 29.85 -5.09 0.65
CA LEU B 7 30.95 -5.80 -0.02
C LEU B 7 31.58 -6.91 0.85
N CYS B 8 31.42 -6.79 2.16
CA CYS B 8 32.07 -7.64 3.14
C CYS B 8 31.11 -8.37 4.04
N ASN B 9 30.02 -7.70 4.38
CA ASN B 9 29.07 -8.08 5.43
C ASN B 9 29.60 -7.71 6.83
N SER B 10 30.90 -7.31 6.95
CA SER B 10 31.56 -6.87 8.17
C SER B 10 30.77 -5.70 8.75
N GLN B 11 30.06 -5.94 9.86
CA GLN B 11 29.21 -5.00 10.57
C GLN B 11 29.82 -3.61 10.69
N THR B 12 29.05 -2.52 10.45
CA THR B 12 29.61 -1.16 10.59
C THR B 12 28.60 -0.09 10.87
N SER B 13 29.09 0.98 11.55
CA SER B 13 28.36 2.20 11.80
C SER B 13 28.59 3.22 10.66
N LEU B 14 29.14 2.80 9.50
CA LEU B 14 29.44 3.65 8.36
C LEU B 14 28.56 3.35 7.15
N ARG B 15 27.94 4.39 6.61
CA ARG B 15 27.14 4.37 5.41
C ARG B 15 27.79 5.40 4.51
N CYS B 16 27.95 5.09 3.21
CA CYS B 16 28.49 6.09 2.29
C CYS B 16 27.43 7.16 1.99
N GLY B 17 27.75 8.41 2.29
CA GLY B 17 26.83 9.53 2.11
C GLY B 17 26.70 10.07 0.70
N ALA B 18 27.70 9.87 -0.15
CA ALA B 18 27.66 10.33 -1.55
C ALA B 18 26.94 9.35 -2.47
N CYS B 19 26.80 8.07 -2.03
CA CYS B 19 26.06 7.05 -2.75
C CYS B 19 24.60 7.40 -2.61
N ILE B 20 23.85 7.34 -3.73
CA ILE B 20 22.42 7.65 -3.66
C ILE B 20 21.66 6.58 -2.85
N ARG B 21 22.22 5.36 -2.72
CA ARG B 21 21.60 4.33 -1.90
C ARG B 21 22.14 4.23 -0.47
N ARG B 22 23.16 5.06 -0.13
CA ARG B 22 23.82 5.11 1.17
C ARG B 22 24.19 3.73 1.73
N PRO B 23 24.93 2.91 0.97
CA PRO B 23 25.23 1.55 1.44
C PRO B 23 26.08 1.54 2.68
N PHE B 24 25.88 0.53 3.53
CA PHE B 24 26.75 0.36 4.68
C PHE B 24 28.10 -0.16 4.11
N LEU B 25 29.17 0.52 4.47
CA LEU B 25 30.52 0.14 4.06
C LEU B 25 31.32 -0.02 5.35
N CYS B 26 32.07 -1.12 5.48
CA CYS B 26 32.87 -1.34 6.67
C CYS B 26 34.06 -0.39 6.72
N CYS B 27 34.93 -0.49 7.72
CA CYS B 27 36.09 0.39 7.84
C CYS B 27 37.06 0.25 6.69
N LYS B 28 37.42 -1.00 6.27
CA LYS B 28 38.36 -1.18 5.17
C LYS B 28 37.75 -0.75 3.83
N CYS B 29 36.46 -1.09 3.59
CA CYS B 29 35.75 -0.85 2.32
C CYS B 29 35.31 0.61 2.15
N CYS B 30 34.93 1.26 3.25
CA CYS B 30 34.55 2.66 3.22
C CYS B 30 35.76 3.49 2.80
N TYR B 31 36.94 3.16 3.35
CA TYR B 31 38.20 3.80 3.04
C TYR B 31 38.54 3.61 1.56
N ASP B 32 38.56 2.34 1.10
CA ASP B 32 38.89 2.06 -0.29
C ASP B 32 37.89 2.70 -1.27
N HIS B 33 36.64 2.94 -0.84
CA HIS B 33 35.65 3.65 -1.64
C HIS B 33 35.93 5.17 -1.67
N VAL B 34 36.08 5.83 -0.50
CA VAL B 34 36.30 7.26 -0.42
C VAL B 34 37.65 7.69 -1.02
N ILE B 35 38.71 6.89 -0.90
CA ILE B 35 40.05 7.27 -1.40
C ILE B 35 40.24 7.07 -2.92
N SER B 36 39.29 6.44 -3.60
CA SER B 36 39.41 6.20 -5.05
C SER B 36 38.23 6.69 -5.87
N THR B 37 37.30 7.46 -5.25
CA THR B 37 36.14 8.07 -5.92
C THR B 37 35.97 9.53 -5.43
N SER B 38 35.09 10.30 -6.11
CA SER B 38 34.66 11.62 -5.67
C SER B 38 33.80 11.54 -4.36
N HIS B 39 33.44 10.33 -3.93
CA HIS B 39 32.58 10.12 -2.79
C HIS B 39 33.36 10.30 -1.50
N LYS B 40 33.13 11.40 -0.78
CA LYS B 40 33.86 11.64 0.46
C LYS B 40 32.95 11.86 1.67
N LEU B 41 31.63 11.96 1.48
CA LEU B 41 30.73 12.14 2.62
C LEU B 41 30.53 10.79 3.28
N VAL B 42 30.88 10.66 4.56
CA VAL B 42 30.69 9.42 5.31
C VAL B 42 29.60 9.66 6.37
N LEU B 43 28.60 8.75 6.48
CA LEU B 43 27.51 8.87 7.44
C LEU B 43 27.62 7.80 8.51
N SER B 44 27.24 8.17 9.73
CA SER B 44 27.26 7.27 10.88
C SER B 44 26.05 7.65 11.77
N VAL B 45 26.12 7.51 13.12
CA VAL B 45 25.10 8.03 14.07
C VAL B 45 24.98 9.58 13.81
N ASN B 46 26.13 10.21 13.50
CA ASN B 46 26.31 11.59 13.09
C ASN B 46 27.04 11.61 11.71
N PRO B 47 26.72 12.60 10.85
CA PRO B 47 27.47 12.70 9.58
C PRO B 47 28.87 13.17 9.90
N TYR B 48 29.84 12.63 9.16
CA TYR B 48 31.22 13.01 9.35
C TYR B 48 31.37 14.31 8.64
N VAL B 49 31.09 15.38 9.38
CA VAL B 49 31.14 16.77 8.91
C VAL B 49 31.75 17.61 10.03
N CYS B 50 32.44 18.71 9.67
CA CYS B 50 33.03 19.57 10.69
C CYS B 50 31.97 20.25 11.56
N ASN B 51 32.11 20.07 12.87
CA ASN B 51 31.19 20.58 13.88
C ASN B 51 31.40 22.05 14.24
N ALA B 52 32.54 22.64 13.84
CA ALA B 52 32.82 24.05 14.11
C ALA B 52 31.80 24.90 13.39
N PRO B 53 31.25 25.92 14.08
CA PRO B 53 30.18 26.75 13.47
C PRO B 53 30.51 27.37 12.11
N GLY B 54 29.55 27.28 11.18
CA GLY B 54 29.68 27.85 9.84
C GLY B 54 30.72 27.22 8.94
N CYS B 55 31.24 26.04 9.33
CA CYS B 55 32.24 25.35 8.50
C CYS B 55 31.62 24.35 7.53
N ASP B 56 32.12 24.35 6.30
CA ASP B 56 31.64 23.49 5.24
C ASP B 56 32.57 22.33 4.88
N VAL B 57 33.34 21.78 5.86
CA VAL B 57 34.22 20.64 5.56
C VAL B 57 33.45 19.35 5.76
N THR B 58 33.19 18.60 4.66
CA THR B 58 32.44 17.34 4.66
C THR B 58 33.28 16.13 4.19
N ASP B 59 34.48 16.36 3.60
CA ASP B 59 35.38 15.31 3.12
C ASP B 59 35.97 14.56 4.32
N VAL B 60 35.77 13.23 4.39
CA VAL B 60 36.24 12.36 5.46
C VAL B 60 37.79 12.32 5.59
N THR B 61 38.51 12.61 4.48
CA THR B 61 39.97 12.63 4.46
C THR B 61 40.52 13.95 5.11
N GLN B 62 39.70 15.01 5.13
CA GLN B 62 40.04 16.28 5.74
C GLN B 62 39.42 16.40 7.14
N LEU B 63 39.00 15.29 7.79
CA LEU B 63 38.37 15.34 9.10
C LEU B 63 39.06 14.48 10.16
N TYR B 64 38.78 14.79 11.46
CA TYR B 64 39.37 14.17 12.66
C TYR B 64 38.31 14.05 13.78
N LEU B 65 38.49 13.15 14.76
CA LEU B 65 37.60 13.07 15.92
C LEU B 65 38.21 13.85 17.12
N GLY B 66 37.63 15.00 17.42
CA GLY B 66 38.04 15.85 18.53
C GLY B 66 37.21 15.61 19.78
N GLY B 67 37.63 14.60 20.55
CA GLY B 67 36.92 14.20 21.77
C GLY B 67 35.70 13.40 21.41
N MET B 68 34.59 14.10 21.18
CA MET B 68 33.35 13.44 20.79
C MET B 68 32.68 14.07 19.55
N SER B 69 33.11 15.27 19.13
CA SER B 69 32.60 15.91 17.91
C SER B 69 33.68 15.88 16.79
N TYR B 70 33.26 15.98 15.52
CA TYR B 70 34.20 15.86 14.39
C TYR B 70 34.64 17.22 13.88
N TYR B 71 35.91 17.37 13.49
CA TYR B 71 36.42 18.67 13.01
C TYR B 71 37.41 18.54 11.88
N CYS B 72 37.55 19.58 11.06
CA CYS B 72 38.53 19.60 9.99
C CYS B 72 39.96 19.91 10.55
N LYS B 73 40.99 20.04 9.68
CA LYS B 73 42.36 20.33 10.07
C LYS B 73 42.49 21.75 10.67
N SER B 74 41.58 22.69 10.27
CA SER B 74 41.54 24.08 10.75
C SER B 74 40.77 24.28 12.07
N HIS B 75 39.99 23.28 12.50
CA HIS B 75 39.17 23.43 13.70
C HIS B 75 39.37 22.36 14.76
N LYS B 76 40.12 21.29 14.45
CA LYS B 76 40.32 20.19 15.39
C LYS B 76 41.05 20.65 16.66
N PRO B 77 40.72 20.04 17.82
CA PRO B 77 41.47 20.34 19.04
C PRO B 77 42.87 19.67 19.03
N PRO B 78 43.75 19.92 20.03
CA PRO B 78 45.08 19.28 20.02
C PRO B 78 44.99 17.75 20.14
N ILE B 79 44.02 17.27 20.93
CA ILE B 79 43.82 15.84 21.10
C ILE B 79 42.72 15.37 20.14
N SER B 80 43.17 14.87 18.97
CA SER B 80 42.31 14.35 17.91
C SER B 80 43.04 13.32 17.04
N PHE B 81 42.29 12.45 16.36
CA PHE B 81 42.87 11.44 15.46
C PHE B 81 42.14 11.47 14.11
N PRO B 82 42.84 11.30 12.98
CA PRO B 82 42.16 11.39 11.68
C PRO B 82 41.17 10.27 11.43
N LEU B 83 40.07 10.57 10.73
CA LEU B 83 39.10 9.53 10.40
C LEU B 83 39.68 8.56 9.31
N CYS B 84 40.58 9.05 8.43
CA CYS B 84 41.25 8.23 7.40
C CYS B 84 42.67 7.90 7.71
N ALA B 85 42.95 6.65 8.10
CA ALA B 85 44.31 6.24 8.41
C ALA B 85 44.45 4.73 8.37
N ASN B 86 45.63 4.20 7.99
CA ASN B 86 45.91 2.75 7.93
C ASN B 86 44.87 1.92 7.13
N GLY B 87 44.33 2.47 6.05
CA GLY B 87 43.36 1.75 5.21
C GLY B 87 41.95 1.60 5.77
N GLN B 88 41.63 2.42 6.80
CA GLN B 88 40.33 2.36 7.45
C GLN B 88 39.71 3.75 7.64
N VAL B 89 38.39 3.78 7.82
CA VAL B 89 37.61 4.97 8.15
C VAL B 89 37.06 4.69 9.55
N PHE B 90 37.30 5.60 10.53
CA PHE B 90 36.90 5.38 11.91
C PHE B 90 35.40 5.18 12.07
N GLY B 91 35.00 4.20 12.85
CA GLY B 91 33.59 3.91 13.10
C GLY B 91 33.40 2.84 14.17
N LEU B 92 32.38 2.00 14.01
CA LEU B 92 32.13 0.91 14.94
C LEU B 92 32.61 -0.41 14.33
N TYR B 93 32.91 -1.38 15.20
CA TYR B 93 33.34 -2.74 14.82
C TYR B 93 34.57 -2.74 13.93
N LYS B 94 35.57 -1.91 14.27
CA LYS B 94 36.83 -1.80 13.54
C LYS B 94 37.66 -3.10 13.61
N ASN B 95 37.51 -3.85 14.75
CA ASN B 95 38.16 -5.15 15.00
C ASN B 95 37.72 -6.21 13.96
N THR B 96 36.39 -6.31 13.69
CA THR B 96 35.83 -7.20 12.67
C THR B 96 35.66 -6.43 11.36
N CYS B 97 36.64 -6.58 10.48
CA CYS B 97 36.69 -5.86 9.23
C CYS B 97 37.58 -6.69 8.33
N VAL B 98 37.06 -7.21 7.20
CA VAL B 98 37.85 -8.09 6.33
C VAL B 98 38.35 -7.45 5.03
N GLY B 99 37.52 -6.63 4.38
CA GLY B 99 37.89 -5.95 3.15
C GLY B 99 37.52 -6.66 1.86
N SER B 100 38.08 -6.19 0.75
CA SER B 100 37.87 -6.77 -0.58
C SER B 100 39.14 -6.67 -1.40
N ASP B 101 39.41 -7.70 -2.23
CA ASP B 101 40.60 -7.75 -3.10
C ASP B 101 40.61 -6.56 -4.07
N ASN B 102 39.42 -6.22 -4.61
CA ASN B 102 39.20 -5.10 -5.51
C ASN B 102 37.78 -4.55 -5.34
N VAL B 103 37.71 -3.33 -4.81
CA VAL B 103 36.46 -2.59 -4.63
C VAL B 103 36.03 -1.86 -5.96
N THR B 104 36.73 -2.17 -7.08
CA THR B 104 36.68 -1.56 -8.39
C THR B 104 35.32 -1.58 -9.03
N ASP B 105 34.62 -2.73 -9.02
CA ASP B 105 33.28 -2.85 -9.62
C ASP B 105 32.22 -2.13 -8.76
N PHE B 106 32.39 -2.12 -7.41
CA PHE B 106 31.50 -1.39 -6.51
C PHE B 106 31.59 0.12 -6.83
N ASN B 107 32.81 0.63 -7.05
CA ASN B 107 33.07 2.05 -7.31
C ASN B 107 32.40 2.44 -8.62
N ALA B 108 32.50 1.59 -9.65
CA ALA B 108 31.89 1.84 -10.96
C ALA B 108 30.36 1.81 -10.90
N ILE B 109 29.75 0.92 -10.08
CA ILE B 109 28.29 0.89 -9.91
C ILE B 109 27.84 2.14 -9.16
N ALA B 110 28.59 2.51 -8.10
CA ALA B 110 28.28 3.66 -7.23
C ALA B 110 28.35 5.01 -7.95
N THR B 111 29.25 5.15 -8.94
CA THR B 111 29.51 6.42 -9.63
C THR B 111 29.02 6.53 -11.10
N CYS B 112 28.57 5.44 -11.72
CA CYS B 112 28.09 5.49 -13.12
C CYS B 112 26.74 6.24 -13.25
N ASP B 113 26.48 6.83 -14.43
CA ASP B 113 25.22 7.56 -14.64
C ASP B 113 24.10 6.68 -15.27
N TRP B 114 24.41 5.39 -15.60
CA TRP B 114 23.51 4.39 -16.17
C TRP B 114 23.02 4.72 -17.59
N THR B 115 23.79 5.52 -18.35
CA THR B 115 23.40 5.88 -19.73
C THR B 115 24.11 4.99 -20.79
N ASN B 116 25.12 4.21 -20.37
CA ASN B 116 25.90 3.34 -21.24
C ASN B 116 25.49 1.88 -20.98
N ALA B 117 25.52 1.04 -22.02
CA ALA B 117 25.15 -0.37 -21.87
C ALA B 117 26.15 -1.12 -20.97
N GLY B 118 27.43 -0.72 -20.98
CA GLY B 118 28.49 -1.30 -20.16
C GLY B 118 28.22 -1.26 -18.66
N ASP B 119 27.34 -0.32 -18.23
CA ASP B 119 26.91 -0.14 -16.85
C ASP B 119 25.99 -1.31 -16.46
N TYR B 120 25.08 -1.68 -17.38
CA TYR B 120 24.14 -2.77 -17.18
C TYR B 120 24.82 -4.12 -17.28
N ILE B 121 25.88 -4.22 -18.12
CA ILE B 121 26.67 -5.44 -18.29
C ILE B 121 27.36 -5.74 -16.96
N LEU B 122 28.01 -4.73 -16.37
CA LEU B 122 28.64 -4.82 -15.06
C LEU B 122 27.63 -5.26 -13.99
N ALA B 123 26.46 -4.60 -13.93
CA ALA B 123 25.38 -4.88 -12.97
C ALA B 123 24.81 -6.33 -13.04
N ASN B 124 25.23 -7.10 -14.06
CA ASN B 124 24.78 -8.48 -14.25
C ASN B 124 25.98 -9.47 -14.22
N THR B 125 27.22 -8.98 -14.42
CA THR B 125 28.39 -9.84 -14.34
C THR B 125 29.07 -9.77 -12.95
N CYS B 126 28.63 -8.84 -12.08
CA CYS B 126 29.22 -8.65 -10.75
C CYS B 126 28.73 -9.72 -9.77
N THR B 127 29.25 -9.71 -8.53
CA THR B 127 28.81 -10.65 -7.51
C THR B 127 27.32 -10.43 -7.17
N GLU B 128 26.69 -11.40 -6.52
CA GLU B 128 25.27 -11.31 -6.19
C GLU B 128 24.93 -10.11 -5.34
N ARG B 129 25.76 -9.80 -4.35
CA ARG B 129 25.52 -8.64 -3.49
C ARG B 129 25.63 -7.29 -4.26
N LEU B 130 26.49 -7.26 -5.26
CA LEU B 130 26.66 -6.10 -6.10
C LEU B 130 25.56 -5.98 -7.15
N LYS B 131 24.90 -7.11 -7.52
CA LYS B 131 23.75 -7.09 -8.43
C LYS B 131 22.60 -6.35 -7.72
N LEU B 132 22.42 -6.60 -6.40
CA LEU B 132 21.37 -5.95 -5.61
C LEU B 132 21.64 -4.48 -5.42
N PHE B 133 22.89 -4.11 -5.11
CA PHE B 133 23.32 -2.73 -4.94
C PHE B 133 23.10 -1.99 -6.27
N ALA B 134 23.54 -2.59 -7.41
CA ALA B 134 23.36 -2.04 -8.75
C ALA B 134 21.87 -1.84 -9.10
N ALA B 135 21.02 -2.84 -8.75
CA ALA B 135 19.59 -2.75 -9.03
C ALA B 135 18.90 -1.66 -8.23
N GLU B 136 19.25 -1.47 -6.93
CA GLU B 136 18.69 -0.42 -6.09
C GLU B 136 19.13 0.96 -6.64
N THR B 137 20.46 1.08 -6.95
CA THR B 137 21.13 2.31 -7.41
C THR B 137 20.51 2.80 -8.69
N LEU B 138 20.40 1.89 -9.67
CA LEU B 138 19.82 2.14 -10.97
C LEU B 138 18.36 2.56 -10.80
N LYS B 139 17.56 1.81 -10.03
CA LYS B 139 16.14 2.16 -9.86
C LYS B 139 15.96 3.48 -9.17
N ALA B 140 16.84 3.82 -8.24
CA ALA B 140 16.78 5.09 -7.55
C ALA B 140 17.18 6.21 -8.51
N THR B 141 18.20 5.98 -9.36
CA THR B 141 18.64 6.97 -10.36
C THR B 141 17.52 7.21 -11.36
N GLU B 142 16.82 6.13 -11.77
CA GLU B 142 15.70 6.18 -12.71
C GLU B 142 14.54 6.97 -12.12
N GLU B 143 14.18 6.79 -10.81
CA GLU B 143 13.03 7.48 -10.18
C GLU B 143 13.33 8.94 -9.98
N THR B 144 14.57 9.27 -9.63
CA THR B 144 15.02 10.66 -9.41
C THR B 144 15.10 11.42 -10.74
N PHE B 145 15.52 10.73 -11.81
CA PHE B 145 15.56 11.31 -13.13
C PHE B 145 14.16 11.68 -13.61
N LYS B 146 13.11 10.95 -13.20
CA LYS B 146 11.74 11.31 -13.58
C LYS B 146 11.37 12.69 -13.02
N LEU B 147 11.94 13.08 -11.84
CA LEU B 147 11.72 14.38 -11.17
C LEU B 147 12.41 15.52 -11.89
N SER B 148 13.47 15.25 -12.68
CA SER B 148 14.21 16.25 -13.49
C SER B 148 13.33 16.90 -14.55
N TYR B 149 12.32 16.17 -15.02
CA TYR B 149 11.40 16.66 -16.02
C TYR B 149 10.51 17.78 -15.47
N GLY B 150 10.10 18.69 -16.35
CA GLY B 150 9.24 19.79 -15.97
C GLY B 150 7.76 19.43 -15.89
N ILE B 151 6.99 20.22 -15.13
CA ILE B 151 5.56 20.05 -14.96
C ILE B 151 4.85 20.53 -16.24
N ALA B 152 3.81 19.77 -16.67
CA ALA B 152 2.99 20.07 -17.84
C ALA B 152 1.63 20.59 -17.33
N THR B 153 1.18 21.77 -17.75
CA THR B 153 -0.05 22.34 -17.24
C THR B 153 -1.02 22.59 -18.38
N VAL B 154 -2.31 22.34 -18.15
CA VAL B 154 -3.33 22.63 -19.17
C VAL B 154 -3.43 24.16 -19.33
N ARG B 155 -3.18 24.63 -20.57
CA ARG B 155 -3.21 26.03 -20.97
C ARG B 155 -4.58 26.35 -21.59
N GLU B 156 -5.10 25.44 -22.42
CA GLU B 156 -6.36 25.63 -23.09
C GLU B 156 -6.92 24.26 -23.37
N VAL B 157 -8.15 23.99 -22.93
CA VAL B 157 -8.79 22.69 -23.20
C VAL B 157 -9.44 22.78 -24.59
N LEU B 158 -8.61 22.60 -25.64
CA LEU B 158 -8.97 22.68 -27.07
C LEU B 158 -10.30 21.98 -27.43
N SER B 159 -10.43 20.71 -27.02
CA SER B 159 -11.60 19.89 -27.23
C SER B 159 -11.50 18.69 -26.26
N ASP B 160 -12.20 17.61 -26.55
CA ASP B 160 -12.06 16.37 -25.80
C ASP B 160 -10.90 15.63 -26.51
N ARG B 161 -10.14 14.83 -25.76
CA ARG B 161 -8.99 14.08 -26.29
C ARG B 161 -7.78 14.98 -26.72
N GLU B 162 -7.95 16.31 -26.86
CA GLU B 162 -6.84 17.19 -27.23
C GLU B 162 -6.68 18.40 -26.27
N LEU B 163 -5.42 18.81 -26.02
CA LEU B 163 -5.04 19.89 -25.09
C LEU B 163 -3.95 20.84 -25.60
N HIS B 164 -3.86 22.03 -24.97
CA HIS B 164 -2.79 22.97 -25.21
C HIS B 164 -2.01 22.92 -23.92
N LEU B 165 -0.79 22.36 -23.90
CA LEU B 165 0.00 22.30 -22.66
C LEU B 165 1.06 23.44 -22.56
N SER B 166 1.37 23.82 -21.31
CA SER B 166 2.35 24.85 -20.94
C SER B 166 3.41 24.15 -20.06
N TRP B 167 4.69 24.23 -20.44
CA TRP B 167 5.75 23.50 -19.72
C TRP B 167 6.59 24.35 -18.78
N GLU B 168 7.20 23.70 -17.77
CA GLU B 168 8.04 24.38 -16.80
C GLU B 168 9.34 24.83 -17.47
N VAL B 169 9.79 26.06 -17.21
CA VAL B 169 11.01 26.62 -17.77
C VAL B 169 12.25 26.16 -16.95
N GLY B 170 13.32 25.76 -17.63
CA GLY B 170 14.54 25.31 -16.99
C GLY B 170 14.66 23.80 -16.87
N LYS B 171 13.50 23.10 -16.82
CA LYS B 171 13.49 21.66 -16.72
C LYS B 171 13.09 21.03 -18.07
N PRO B 172 13.86 20.03 -18.54
CA PRO B 172 13.53 19.39 -19.83
C PRO B 172 12.13 18.80 -19.93
N ARG B 173 11.63 18.65 -21.16
CA ARG B 173 10.31 18.07 -21.38
C ARG B 173 10.46 16.59 -21.74
N PRO B 174 9.73 15.70 -21.05
CA PRO B 174 9.84 14.26 -21.34
C PRO B 174 9.26 13.80 -22.67
N PRO B 175 9.74 12.64 -23.17
CA PRO B 175 9.17 12.07 -24.40
C PRO B 175 7.69 11.78 -24.22
N LEU B 176 6.92 12.03 -25.27
CA LEU B 176 5.49 11.84 -25.23
C LEU B 176 5.04 10.55 -25.92
N ASN B 177 4.85 9.48 -25.13
CA ASN B 177 4.40 8.17 -25.60
C ASN B 177 3.87 7.30 -24.45
N ARG B 178 3.22 6.15 -24.77
CA ARG B 178 2.66 5.20 -23.80
C ARG B 178 3.67 4.74 -22.74
N ASN B 179 4.98 4.80 -23.08
CA ASN B 179 6.09 4.46 -22.17
C ASN B 179 6.14 5.37 -20.93
N TYR B 180 5.58 6.59 -21.06
CA TYR B 180 5.58 7.62 -20.03
C TYR B 180 4.18 7.91 -19.51
N VAL B 181 3.90 7.52 -18.25
CA VAL B 181 2.57 7.74 -17.66
C VAL B 181 2.60 8.86 -16.58
N PHE B 182 1.88 9.95 -16.89
CA PHE B 182 1.69 11.16 -16.10
C PHE B 182 0.61 10.96 -15.08
N THR B 183 0.42 11.94 -14.21
CA THR B 183 -0.63 11.90 -13.22
C THR B 183 -1.22 13.28 -13.18
N GLY B 184 -2.52 13.37 -13.36
CA GLY B 184 -3.20 14.66 -13.33
C GLY B 184 -3.41 15.15 -11.91
N TYR B 185 -3.51 16.48 -11.73
CA TYR B 185 -3.73 17.09 -10.41
C TYR B 185 -4.59 18.35 -10.52
N ARG B 186 -5.49 18.60 -9.54
CA ARG B 186 -6.31 19.83 -9.50
C ARG B 186 -5.89 20.72 -8.31
N VAL B 187 -5.68 22.02 -8.57
CA VAL B 187 -5.18 22.98 -7.56
C VAL B 187 -6.23 23.35 -6.49
N THR B 188 -6.19 22.69 -5.30
CA THR B 188 -7.15 22.96 -4.21
C THR B 188 -6.81 24.26 -3.43
N LYS B 189 -7.69 24.69 -2.50
CA LYS B 189 -7.48 25.87 -1.68
C LYS B 189 -6.07 25.96 -1.06
N ASN B 190 -5.47 24.80 -0.66
CA ASN B 190 -4.12 24.82 -0.08
C ASN B 190 -3.23 23.57 -0.38
N SER B 191 -3.63 22.70 -1.34
CA SER B 191 -2.81 21.55 -1.76
C SER B 191 -3.27 20.97 -3.15
N LYS B 192 -2.87 19.73 -3.54
CA LYS B 192 -3.21 19.11 -4.85
C LYS B 192 -3.97 17.76 -4.76
N VAL B 193 -5.07 17.63 -5.54
CA VAL B 193 -5.85 16.38 -5.54
C VAL B 193 -5.58 15.56 -6.82
N GLN B 194 -5.20 14.25 -6.66
CA GLN B 194 -4.93 13.33 -7.79
C GLN B 194 -6.15 13.22 -8.67
N ILE B 195 -5.96 13.28 -9.98
CA ILE B 195 -7.04 13.24 -10.96
C ILE B 195 -6.78 12.10 -12.01
N GLY B 196 -6.11 11.03 -11.58
CA GLY B 196 -5.87 9.87 -12.43
C GLY B 196 -4.67 9.99 -13.36
N GLU B 197 -4.15 8.82 -13.81
CA GLU B 197 -2.99 8.74 -14.69
C GLU B 197 -3.31 9.13 -16.14
N TYR B 198 -2.33 9.68 -16.86
CA TYR B 198 -2.52 10.17 -18.22
C TYR B 198 -1.31 9.88 -19.12
N THR B 199 -1.52 9.60 -20.40
CA THR B 199 -0.42 9.44 -21.36
C THR B 199 -0.64 10.43 -22.53
N PHE B 200 0.45 10.85 -23.19
CA PHE B 200 0.32 11.85 -24.26
C PHE B 200 0.99 11.46 -25.58
N GLU B 201 0.67 12.22 -26.63
CA GLU B 201 1.12 12.07 -28.01
C GLU B 201 0.95 13.45 -28.71
N LYS B 202 1.76 13.78 -29.74
CA LYS B 202 1.61 15.08 -30.45
C LYS B 202 0.24 15.15 -31.20
N GLY B 203 -0.25 16.36 -31.50
CA GLY B 203 -1.52 16.54 -32.17
C GLY B 203 -1.45 17.18 -33.55
N ALA B 208 -0.18 21.38 -29.65
CA ALA B 208 -1.32 20.62 -29.13
C ALA B 208 -0.96 19.17 -28.82
N VAL B 209 -1.48 18.65 -27.71
CA VAL B 209 -1.24 17.28 -27.28
C VAL B 209 -2.53 16.45 -27.29
N VAL B 210 -2.38 15.11 -27.31
CA VAL B 210 -3.46 14.13 -27.34
C VAL B 210 -3.43 13.28 -26.05
N TYR B 211 -4.42 13.45 -25.14
CA TYR B 211 -4.42 12.70 -23.87
C TYR B 211 -5.20 11.40 -23.88
N ARG B 212 -4.61 10.36 -23.29
CA ARG B 212 -5.24 9.04 -23.16
C ARG B 212 -5.38 8.72 -21.67
N GLY B 213 -6.24 9.46 -21.02
CA GLY B 213 -6.49 9.35 -19.59
C GLY B 213 -7.02 8.03 -19.10
N THR B 214 -6.30 7.44 -18.14
CA THR B 214 -6.74 6.21 -17.48
C THR B 214 -8.08 6.40 -16.72
N THR B 215 -8.68 7.58 -16.81
CA THR B 215 -9.96 7.98 -16.24
C THR B 215 -10.58 9.08 -17.11
N THR B 216 -11.89 9.36 -16.90
CA THR B 216 -12.62 10.35 -17.68
C THR B 216 -13.00 11.63 -16.89
N TYR B 217 -12.07 12.59 -16.81
CA TYR B 217 -12.34 13.85 -16.12
C TYR B 217 -12.58 14.98 -17.10
N LYS B 218 -13.39 15.97 -16.68
CA LYS B 218 -13.65 17.15 -17.49
C LYS B 218 -12.54 18.12 -17.10
N LEU B 219 -11.30 17.83 -17.53
CA LEU B 219 -10.13 18.61 -17.13
C LEU B 219 -10.27 20.08 -17.44
N ASN B 220 -10.03 20.83 -16.40
CA ASN B 220 -10.07 22.27 -16.43
C ASN B 220 -8.65 22.79 -16.69
N VAL B 221 -8.55 23.99 -17.23
CA VAL B 221 -7.27 24.68 -17.46
C VAL B 221 -6.55 24.87 -16.09
N GLY B 222 -5.25 24.63 -16.01
CA GLY B 222 -4.52 24.76 -14.74
C GLY B 222 -4.18 23.46 -14.06
N ASP B 223 -4.81 22.36 -14.53
CA ASP B 223 -4.52 21.02 -14.06
C ASP B 223 -3.14 20.66 -14.58
N TYR B 224 -2.31 20.11 -13.72
CA TYR B 224 -0.95 19.79 -14.11
C TYR B 224 -0.67 18.28 -14.08
N PHE B 225 0.39 17.86 -14.77
CA PHE B 225 0.72 16.46 -14.96
C PHE B 225 2.16 16.17 -14.66
N VAL B 226 2.42 15.22 -13.78
CA VAL B 226 3.79 14.84 -13.47
C VAL B 226 3.90 13.32 -13.51
N LEU B 227 5.02 12.82 -14.01
CA LEU B 227 5.33 11.41 -14.00
C LEU B 227 5.50 10.98 -12.53
N THR B 228 4.66 10.04 -12.08
CA THR B 228 4.75 9.59 -10.70
C THR B 228 6.07 8.86 -10.45
N SER B 229 6.73 9.27 -9.40
CA SER B 229 7.98 8.70 -8.91
C SER B 229 7.63 7.94 -7.61
N HIS B 230 8.37 6.89 -7.33
CA HIS B 230 8.10 6.06 -6.19
C HIS B 230 9.32 5.77 -5.39
N THR B 231 9.10 5.47 -4.12
CA THR B 231 10.18 5.16 -3.22
C THR B 231 10.77 3.79 -3.60
N VAL B 232 12.10 3.70 -3.72
CA VAL B 232 12.78 2.46 -4.05
C VAL B 232 13.21 1.82 -2.71
N MET B 233 12.66 0.65 -2.37
CA MET B 233 13.02 -0.04 -1.14
C MET B 233 14.35 -0.77 -1.28
N PRO B 234 15.05 -1.07 -0.17
CA PRO B 234 16.29 -1.85 -0.28
C PRO B 234 16.03 -3.32 -0.61
N LEU B 235 17.02 -3.97 -1.22
CA LEU B 235 16.94 -5.38 -1.64
C LEU B 235 17.73 -6.21 -0.65
N SER B 236 17.18 -7.37 -0.26
CA SER B 236 17.81 -8.27 0.69
C SER B 236 18.07 -9.66 0.07
N ALA B 237 17.04 -10.25 -0.58
CA ALA B 237 17.11 -11.58 -1.23
C ALA B 237 17.91 -11.55 -2.54
N PRO B 238 18.61 -12.66 -2.91
CA PRO B 238 19.32 -12.67 -4.21
C PRO B 238 18.37 -12.60 -5.42
N THR B 239 18.89 -12.32 -6.62
CA THR B 239 18.06 -12.30 -7.83
C THR B 239 17.58 -13.73 -8.16
N LEU B 240 18.50 -14.71 -7.96
CA LEU B 240 18.28 -16.14 -8.07
C LEU B 240 18.74 -16.82 -6.79
N VAL B 241 17.91 -17.72 -6.27
CA VAL B 241 18.31 -18.54 -5.12
C VAL B 241 19.34 -19.58 -5.60
N PRO B 242 20.12 -20.23 -4.69
CA PRO B 242 21.06 -21.27 -5.15
C PRO B 242 20.32 -22.44 -5.80
N GLN B 243 20.80 -22.92 -6.95
CA GLN B 243 20.16 -24.00 -7.66
C GLN B 243 20.27 -25.36 -6.95
N GLU B 244 19.17 -26.13 -6.94
CA GLU B 244 19.17 -27.47 -6.37
C GLU B 244 18.62 -28.44 -7.42
N HIS B 245 19.32 -29.54 -7.65
CA HIS B 245 18.83 -30.56 -8.56
C HIS B 245 18.46 -31.73 -7.71
N TYR B 246 17.34 -32.37 -8.02
CA TYR B 246 16.85 -33.51 -7.24
C TYR B 246 16.76 -34.78 -8.11
N VAL B 247 16.75 -35.96 -7.44
CA VAL B 247 16.62 -37.29 -8.07
C VAL B 247 15.09 -37.64 -8.21
N ARG B 248 14.22 -37.03 -7.40
CA ARG B 248 12.78 -37.24 -7.43
C ARG B 248 12.07 -35.91 -7.50
N ILE B 249 10.77 -35.91 -7.91
CA ILE B 249 9.91 -34.73 -7.80
C ILE B 249 9.72 -34.48 -6.28
N THR B 250 10.05 -33.25 -5.85
CA THR B 250 10.08 -32.87 -4.44
C THR B 250 8.91 -31.98 -3.99
N GLY B 251 8.15 -32.43 -3.00
CA GLY B 251 7.04 -31.68 -2.41
C GLY B 251 5.84 -31.42 -3.29
N LEU B 252 5.87 -31.99 -4.49
CA LEU B 252 4.82 -31.87 -5.47
C LEU B 252 4.25 -33.25 -5.76
N TYR B 253 2.93 -33.31 -5.92
CA TYR B 253 2.26 -34.59 -6.14
C TYR B 253 1.55 -34.60 -7.50
N PRO B 254 2.14 -35.34 -8.48
CA PRO B 254 1.60 -35.35 -9.84
C PRO B 254 0.31 -36.14 -10.01
N THR B 255 -0.54 -35.62 -10.90
CA THR B 255 -1.85 -36.16 -11.20
C THR B 255 -1.74 -37.51 -11.87
N LEU B 256 -2.76 -38.35 -11.66
CA LEU B 256 -2.79 -39.64 -12.35
C LEU B 256 -3.47 -39.48 -13.73
N ASN B 257 -4.46 -38.58 -13.85
CA ASN B 257 -5.16 -38.33 -15.08
C ASN B 257 -5.02 -36.87 -15.47
N ILE B 258 -4.47 -36.64 -16.64
CA ILE B 258 -4.29 -35.31 -17.21
C ILE B 258 -4.98 -35.23 -18.57
N SER B 259 -5.41 -34.05 -18.95
CA SER B 259 -6.03 -33.79 -20.22
C SER B 259 -4.98 -33.92 -21.33
N ASP B 260 -5.35 -34.40 -22.54
CA ASP B 260 -4.39 -34.46 -23.66
C ASP B 260 -4.00 -33.04 -24.21
N GLU B 261 -4.64 -31.98 -23.67
CA GLU B 261 -4.33 -30.59 -23.95
C GLU B 261 -2.99 -30.20 -23.28
N PHE B 262 -2.59 -30.89 -22.16
CA PHE B 262 -1.35 -30.62 -21.44
C PHE B 262 -0.31 -31.72 -21.48
N SER B 263 -0.59 -32.82 -22.21
CA SER B 263 0.31 -33.97 -22.30
C SER B 263 1.67 -33.63 -22.92
N SER B 264 1.73 -32.58 -23.76
CA SER B 264 3.01 -32.18 -24.34
C SER B 264 3.97 -31.60 -23.28
N ASN B 265 3.43 -31.09 -22.18
CA ASN B 265 4.26 -30.50 -21.14
C ASN B 265 4.54 -31.44 -19.95
N VAL B 266 4.09 -32.70 -19.97
CA VAL B 266 4.30 -33.62 -18.84
C VAL B 266 5.79 -33.79 -18.48
N ALA B 267 6.67 -34.07 -19.46
CA ALA B 267 8.09 -34.21 -19.17
C ALA B 267 8.68 -32.91 -18.58
N ASN B 268 8.17 -31.75 -19.04
CA ASN B 268 8.60 -30.44 -18.55
C ASN B 268 8.11 -30.17 -17.13
N TYR B 269 6.87 -30.56 -16.80
CA TYR B 269 6.32 -30.39 -15.46
C TYR B 269 7.03 -31.26 -14.45
N GLN B 270 7.57 -32.42 -14.88
CA GLN B 270 8.35 -33.30 -14.03
C GLN B 270 9.72 -32.67 -13.81
N LYS B 271 10.33 -32.09 -14.88
CA LYS B 271 11.59 -31.35 -14.81
C LYS B 271 11.44 -30.20 -13.78
N VAL B 272 10.24 -29.57 -13.72
CA VAL B 272 9.90 -28.52 -12.76
C VAL B 272 10.00 -29.02 -11.30
N GLY B 273 9.55 -30.25 -11.05
CA GLY B 273 9.58 -30.85 -9.71
C GLY B 273 10.93 -31.41 -9.29
N MET B 274 11.87 -31.55 -10.22
CA MET B 274 13.21 -32.09 -9.96
C MET B 274 14.38 -31.04 -9.93
N GLN B 275 14.07 -29.76 -9.73
CA GLN B 275 15.02 -28.68 -9.55
C GLN B 275 14.38 -27.58 -8.69
N LYS B 276 15.19 -26.75 -8.02
CA LYS B 276 14.68 -25.68 -7.18
C LYS B 276 14.05 -24.62 -8.11
N TYR B 277 14.78 -24.23 -9.14
CA TYR B 277 14.24 -23.31 -10.13
C TYR B 277 14.49 -23.88 -11.52
N SER B 278 13.63 -23.48 -12.45
CA SER B 278 13.70 -23.89 -13.83
C SER B 278 13.32 -22.74 -14.74
N THR B 279 13.93 -22.68 -15.90
CA THR B 279 13.70 -21.65 -16.89
C THR B 279 12.99 -22.23 -18.13
N LEU B 280 11.99 -21.51 -18.61
CA LEU B 280 11.26 -21.92 -19.79
C LEU B 280 11.36 -20.83 -20.84
N GLN B 281 12.04 -21.13 -21.95
CA GLN B 281 12.05 -20.25 -23.08
C GLN B 281 10.86 -20.62 -24.00
N GLY B 282 9.93 -19.69 -24.13
CA GLY B 282 8.79 -19.87 -25.01
C GLY B 282 8.73 -18.78 -26.06
N PRO B 283 9.18 -19.10 -27.29
CA PRO B 283 9.02 -18.16 -28.44
C PRO B 283 7.56 -17.73 -28.65
N PRO B 284 7.28 -16.75 -29.54
CA PRO B 284 5.88 -16.33 -29.73
C PRO B 284 4.94 -17.46 -30.16
N GLY B 285 3.76 -17.53 -29.51
CA GLY B 285 2.71 -18.47 -29.84
C GLY B 285 3.02 -19.94 -29.59
N THR B 286 4.04 -20.25 -28.78
CA THR B 286 4.42 -21.63 -28.47
C THR B 286 3.70 -22.23 -27.25
N GLY B 287 2.90 -21.43 -26.52
CA GLY B 287 2.11 -21.93 -25.39
C GLY B 287 2.60 -21.70 -23.98
N LYS B 288 3.10 -20.50 -23.70
CA LYS B 288 3.60 -20.16 -22.37
C LYS B 288 2.53 -20.16 -21.25
N SER B 289 1.42 -19.45 -21.43
CA SER B 289 0.36 -19.40 -20.39
C SER B 289 -0.38 -20.74 -20.25
N HIS B 290 -0.43 -21.50 -21.34
CA HIS B 290 -1.00 -22.84 -21.37
C HIS B 290 -0.10 -23.76 -20.51
N PHE B 291 1.26 -23.59 -20.64
CA PHE B 291 2.22 -24.32 -19.83
C PHE B 291 2.06 -23.93 -18.35
N ALA B 292 1.99 -22.61 -18.06
CA ALA B 292 1.85 -22.14 -16.71
C ALA B 292 0.60 -22.66 -16.02
N ILE B 293 -0.61 -22.54 -16.67
CA ILE B 293 -1.87 -23.04 -16.10
C ILE B 293 -1.89 -24.56 -16.01
N GLY B 294 -1.32 -25.22 -17.00
CA GLY B 294 -1.26 -26.67 -17.02
C GLY B 294 -0.42 -27.27 -15.92
N LEU B 295 0.58 -26.52 -15.41
CA LEU B 295 1.40 -26.97 -14.31
C LEU B 295 0.53 -27.18 -13.05
N ALA B 296 -0.56 -26.40 -12.90
CA ALA B 296 -1.52 -26.52 -11.80
C ALA B 296 -2.39 -27.77 -11.94
N LEU B 297 -2.70 -28.15 -13.17
CA LEU B 297 -3.46 -29.36 -13.43
C LEU B 297 -2.57 -30.61 -13.22
N TYR B 298 -1.26 -30.47 -13.51
CA TYR B 298 -0.33 -31.56 -13.31
C TYR B 298 -0.04 -31.78 -11.84
N TYR B 299 0.07 -30.71 -11.02
CA TYR B 299 0.29 -30.83 -9.57
C TYR B 299 -0.96 -30.25 -8.91
N PRO B 300 -2.06 -31.03 -8.90
CA PRO B 300 -3.37 -30.46 -8.50
C PRO B 300 -3.53 -29.99 -7.05
N SER B 301 -2.70 -30.49 -6.13
CA SER B 301 -2.76 -30.07 -4.72
C SER B 301 -1.81 -28.87 -4.41
N ALA B 302 -0.83 -28.62 -5.31
CA ALA B 302 0.15 -27.55 -5.16
C ALA B 302 -0.42 -26.14 -5.15
N ARG B 303 0.01 -25.34 -4.18
CA ARG B 303 -0.37 -23.94 -4.07
C ARG B 303 0.55 -23.16 -5.04
N ILE B 304 -0.04 -22.52 -6.08
CA ILE B 304 0.77 -21.80 -7.05
C ILE B 304 0.53 -20.32 -7.01
N VAL B 305 1.63 -19.58 -6.89
CA VAL B 305 1.59 -18.14 -6.95
C VAL B 305 2.11 -17.79 -8.32
N TYR B 306 1.27 -17.09 -9.10
CA TYR B 306 1.54 -16.65 -10.45
C TYR B 306 1.83 -15.20 -10.41
N THR B 307 3.02 -14.84 -10.87
CA THR B 307 3.48 -13.47 -10.83
C THR B 307 4.10 -13.05 -12.18
N ALA B 308 4.18 -11.73 -12.40
CA ALA B 308 4.73 -11.03 -13.57
C ALA B 308 4.87 -9.54 -13.22
N CYS B 309 5.65 -8.77 -13.98
CA CYS B 309 5.85 -7.35 -13.68
C CYS B 309 4.62 -6.52 -13.92
N SER B 310 3.91 -6.80 -15.03
CA SER B 310 2.76 -6.01 -15.43
C SER B 310 1.40 -6.59 -15.06
N HIS B 311 0.41 -5.70 -14.97
CA HIS B 311 -0.96 -6.10 -14.73
C HIS B 311 -1.45 -6.86 -15.94
N ALA B 312 -1.13 -6.42 -17.18
CA ALA B 312 -1.53 -7.14 -18.38
C ALA B 312 -1.01 -8.60 -18.39
N ALA B 313 0.29 -8.83 -18.02
CA ALA B 313 0.83 -10.19 -17.96
C ALA B 313 0.15 -11.05 -16.92
N VAL B 314 -0.16 -10.49 -15.72
CA VAL B 314 -0.87 -11.20 -14.66
C VAL B 314 -2.30 -11.56 -15.09
N ASP B 315 -3.01 -10.61 -15.76
CA ASP B 315 -4.36 -10.72 -16.30
C ASP B 315 -4.44 -11.80 -17.39
N ALA B 316 -3.40 -11.92 -18.24
CA ALA B 316 -3.36 -12.94 -19.26
C ALA B 316 -3.24 -14.33 -18.58
N LEU B 317 -2.54 -14.44 -17.41
CA LEU B 317 -2.48 -15.71 -16.66
C LEU B 317 -3.86 -16.02 -15.98
N CYS B 318 -4.55 -14.97 -15.53
CA CYS B 318 -5.88 -15.04 -14.92
C CYS B 318 -6.90 -15.56 -15.96
N GLU B 319 -6.84 -15.03 -17.20
CA GLU B 319 -7.71 -15.42 -18.29
C GLU B 319 -7.56 -16.89 -18.64
N LYS B 320 -6.32 -17.37 -18.74
CA LYS B 320 -6.06 -18.78 -18.98
C LYS B 320 -6.53 -19.62 -17.79
N ALA B 321 -6.34 -19.18 -16.53
CA ALA B 321 -6.78 -19.92 -15.33
C ALA B 321 -8.31 -19.98 -15.18
N LEU B 322 -8.99 -18.97 -15.66
CA LEU B 322 -10.45 -18.89 -15.64
C LEU B 322 -11.06 -20.05 -16.50
N LYS B 323 -10.35 -20.46 -17.55
CA LYS B 323 -10.73 -21.53 -18.47
C LYS B 323 -10.42 -22.96 -17.94
N TYR B 324 -9.34 -23.14 -17.13
CA TYR B 324 -8.95 -24.47 -16.69
C TYR B 324 -9.03 -24.77 -15.19
N LEU B 325 -8.86 -23.75 -14.36
CA LEU B 325 -8.81 -23.92 -12.92
C LEU B 325 -10.09 -23.46 -12.24
N PRO B 326 -10.46 -24.06 -11.09
CA PRO B 326 -11.70 -23.64 -10.40
C PRO B 326 -11.59 -22.23 -9.84
N ILE B 327 -12.51 -21.32 -10.25
CA ILE B 327 -12.56 -19.89 -9.90
C ILE B 327 -12.55 -19.63 -8.37
N ASP B 328 -13.15 -20.52 -7.57
CA ASP B 328 -13.18 -20.37 -6.12
C ASP B 328 -11.82 -20.65 -5.46
N LYS B 329 -10.90 -21.36 -6.18
CA LYS B 329 -9.55 -21.63 -5.71
C LYS B 329 -8.54 -20.55 -6.18
N CYS B 330 -9.01 -19.47 -6.83
CA CYS B 330 -8.23 -18.38 -7.42
C CYS B 330 -8.47 -17.04 -6.74
N SER B 331 -7.42 -16.22 -6.75
CA SER B 331 -7.50 -14.88 -6.20
C SER B 331 -6.54 -13.93 -6.92
N ARG B 332 -7.06 -12.79 -7.37
CA ARG B 332 -6.29 -11.75 -8.03
C ARG B 332 -5.93 -10.67 -6.98
N ILE B 333 -4.64 -10.59 -6.56
CA ILE B 333 -4.17 -9.61 -5.56
C ILE B 333 -4.05 -8.24 -6.22
N ILE B 334 -4.78 -7.24 -5.69
CA ILE B 334 -4.80 -5.87 -6.19
C ILE B 334 -4.27 -4.94 -5.14
N PRO B 335 -3.19 -4.19 -5.46
CA PRO B 335 -2.67 -3.21 -4.48
C PRO B 335 -3.68 -2.06 -4.29
N ALA B 336 -3.82 -1.55 -3.05
CA ALA B 336 -4.75 -0.42 -2.83
C ALA B 336 -4.23 0.83 -3.56
N VAL B 340 -5.71 2.18 -12.21
CA VAL B 340 -5.35 0.90 -12.84
C VAL B 340 -6.45 -0.18 -12.76
N GLU B 341 -7.05 -0.56 -13.91
CA GLU B 341 -8.10 -1.58 -13.91
C GLU B 341 -7.63 -2.92 -14.45
N CYS B 342 -7.80 -3.97 -13.65
CA CYS B 342 -7.34 -5.30 -14.02
C CYS B 342 -8.44 -6.40 -13.83
N PHE B 343 -8.05 -7.69 -13.94
CA PHE B 343 -8.90 -8.86 -13.82
C PHE B 343 -9.86 -8.80 -12.61
N ASP B 344 -11.20 -8.85 -12.85
CA ASP B 344 -12.13 -8.76 -11.72
C ASP B 344 -13.02 -9.96 -11.56
N LYS B 345 -12.55 -11.14 -11.98
CA LYS B 345 -13.40 -12.33 -11.90
C LYS B 345 -13.03 -13.26 -10.73
N PHE B 346 -11.85 -13.08 -10.11
CA PHE B 346 -11.49 -13.87 -8.94
C PHE B 346 -11.80 -13.09 -7.66
N LYS B 347 -11.86 -13.78 -6.48
CA LYS B 347 -12.04 -13.06 -5.22
C LYS B 347 -10.78 -12.22 -4.98
N VAL B 348 -10.96 -10.90 -4.75
CA VAL B 348 -9.80 -10.00 -4.64
C VAL B 348 -9.13 -10.04 -3.27
N ASN B 349 -7.79 -10.13 -3.29
CA ASN B 349 -6.92 -10.05 -2.13
C ASN B 349 -7.08 -11.18 -1.11
N SER B 350 -7.51 -12.35 -1.56
CA SER B 350 -7.60 -13.51 -0.68
C SER B 350 -6.26 -14.21 -0.86
N THR B 351 -5.24 -13.69 -0.17
CA THR B 351 -3.85 -14.13 -0.16
C THR B 351 -3.68 -15.65 0.09
N LEU B 352 -4.60 -16.28 0.84
CA LEU B 352 -4.47 -17.71 1.15
C LEU B 352 -5.08 -18.69 0.16
N GLU B 353 -5.59 -18.19 -0.98
CA GLU B 353 -6.16 -19.02 -2.03
C GLU B 353 -5.12 -19.97 -2.60
N GLN B 354 -5.53 -21.14 -3.14
CA GLN B 354 -4.59 -22.07 -3.75
C GLN B 354 -3.82 -21.43 -4.91
N TYR B 355 -4.51 -20.60 -5.71
CA TYR B 355 -3.94 -19.91 -6.86
C TYR B 355 -4.02 -18.42 -6.64
N VAL B 356 -2.86 -17.76 -6.60
CA VAL B 356 -2.75 -16.35 -6.34
C VAL B 356 -2.07 -15.65 -7.50
N PHE B 357 -2.75 -14.73 -8.14
CA PHE B 357 -2.25 -14.02 -9.31
C PHE B 357 -1.98 -12.62 -8.84
N CYS B 358 -0.75 -12.16 -8.99
CA CYS B 358 -0.37 -10.88 -8.45
C CYS B 358 0.86 -10.29 -9.14
N THR B 359 0.89 -8.94 -9.34
CA THR B 359 2.08 -8.30 -9.92
C THR B 359 3.25 -8.36 -8.89
N VAL B 360 4.50 -8.25 -9.35
CA VAL B 360 5.67 -8.30 -8.46
C VAL B 360 5.61 -7.25 -7.31
N ASN B 361 5.30 -5.95 -7.59
CA ASN B 361 5.29 -4.94 -6.51
C ASN B 361 4.15 -5.09 -5.50
N ALA B 362 3.09 -5.83 -5.83
CA ALA B 362 1.98 -6.03 -4.90
C ALA B 362 2.07 -7.34 -4.07
N LEU B 363 3.10 -8.15 -4.32
CA LEU B 363 3.26 -9.45 -3.67
C LEU B 363 3.27 -9.39 -2.18
N PRO B 364 2.49 -10.23 -1.53
CA PRO B 364 2.56 -10.30 -0.05
C PRO B 364 3.69 -11.25 0.39
N GLU B 365 3.94 -11.28 1.69
CA GLU B 365 4.94 -12.17 2.27
C GLU B 365 4.25 -13.48 2.50
N THR B 366 4.52 -14.46 1.64
CA THR B 366 3.89 -15.77 1.69
C THR B 366 4.81 -16.89 1.15
N THR B 367 4.37 -18.14 1.26
CA THR B 367 5.08 -19.28 0.73
C THR B 367 4.22 -19.98 -0.33
N ALA B 368 4.83 -20.80 -1.17
CA ALA B 368 4.11 -21.53 -2.21
C ALA B 368 4.83 -22.82 -2.58
N ASP B 369 4.10 -23.79 -3.12
CA ASP B 369 4.72 -25.02 -3.60
C ASP B 369 5.44 -24.66 -4.93
N ILE B 370 4.81 -23.83 -5.78
CA ILE B 370 5.41 -23.33 -7.01
C ILE B 370 5.15 -21.83 -7.16
N VAL B 371 6.17 -21.11 -7.59
CA VAL B 371 6.03 -19.73 -7.98
C VAL B 371 6.29 -19.70 -9.49
N VAL B 372 5.32 -19.22 -10.28
CA VAL B 372 5.50 -19.08 -11.72
C VAL B 372 5.67 -17.58 -11.97
N PHE B 373 6.83 -17.15 -12.49
CA PHE B 373 7.14 -15.78 -12.85
C PHE B 373 7.13 -15.74 -14.41
N ASP B 374 6.10 -15.10 -15.00
CA ASP B 374 5.95 -15.00 -16.44
C ASP B 374 6.54 -13.70 -17.04
N GLU B 375 6.75 -13.68 -18.36
CA GLU B 375 7.31 -12.58 -19.15
C GLU B 375 8.65 -12.14 -18.55
N ILE B 376 9.57 -13.10 -18.41
CA ILE B 376 10.85 -12.91 -17.75
C ILE B 376 11.79 -11.95 -18.47
N SER B 377 11.69 -11.77 -19.81
CA SER B 377 12.55 -10.77 -20.48
C SER B 377 12.29 -9.35 -19.94
N MET B 378 11.04 -9.08 -19.51
CA MET B 378 10.59 -7.79 -18.97
C MET B 378 10.92 -7.53 -17.48
N ALA B 379 11.56 -8.49 -16.81
CA ALA B 379 11.93 -8.33 -15.40
C ALA B 379 13.30 -7.69 -15.31
N THR B 380 13.48 -6.90 -14.26
CA THR B 380 14.78 -6.33 -13.91
C THR B 380 15.32 -7.23 -12.77
N ASN B 381 16.58 -7.04 -12.40
CA ASN B 381 17.14 -7.77 -11.26
C ASN B 381 16.46 -7.34 -9.96
N TYR B 382 15.95 -6.07 -9.92
CA TYR B 382 15.16 -5.55 -8.82
C TYR B 382 13.92 -6.42 -8.63
N ASP B 383 13.19 -6.71 -9.73
CA ASP B 383 12.00 -7.56 -9.69
C ASP B 383 12.37 -9.00 -9.26
N LEU B 384 13.47 -9.54 -9.81
CA LEU B 384 13.96 -10.88 -9.46
C LEU B 384 14.22 -11.02 -7.96
N SER B 385 14.87 -10.02 -7.35
CA SER B 385 15.19 -9.97 -5.92
C SER B 385 13.93 -9.86 -5.06
N VAL B 386 12.99 -8.95 -5.41
CA VAL B 386 11.73 -8.73 -4.68
C VAL B 386 10.92 -10.03 -4.58
N VAL B 387 10.78 -10.76 -5.70
CA VAL B 387 10.06 -12.02 -5.70
C VAL B 387 10.69 -13.01 -4.70
N ASN B 388 12.04 -13.07 -4.62
CA ASN B 388 12.70 -13.98 -3.68
C ASN B 388 12.50 -13.57 -2.20
N ALA B 389 12.25 -12.26 -1.95
CA ALA B 389 12.03 -11.69 -0.63
C ALA B 389 10.61 -11.84 -0.14
N ARG B 390 9.64 -11.69 -1.04
CA ARG B 390 8.25 -11.80 -0.68
C ARG B 390 7.80 -13.29 -0.63
N LEU B 391 8.34 -14.15 -1.54
CA LEU B 391 7.89 -15.54 -1.70
C LEU B 391 8.96 -16.60 -1.44
N ARG B 392 8.73 -17.48 -0.45
CA ARG B 392 9.65 -18.61 -0.22
C ARG B 392 8.96 -19.87 -0.81
N ALA B 393 9.44 -20.36 -1.96
CA ALA B 393 8.79 -21.48 -2.64
C ALA B 393 9.62 -22.77 -2.73
N LYS B 394 8.95 -23.95 -2.85
CA LYS B 394 9.68 -25.21 -3.06
C LYS B 394 10.30 -25.17 -4.48
N HIS B 395 9.57 -24.56 -5.46
CA HIS B 395 9.96 -24.47 -6.85
C HIS B 395 9.61 -23.14 -7.45
N TYR B 396 10.50 -22.62 -8.26
CA TYR B 396 10.32 -21.36 -8.96
C TYR B 396 10.44 -21.64 -10.46
N VAL B 397 9.48 -21.15 -11.23
CA VAL B 397 9.49 -21.32 -12.68
C VAL B 397 9.49 -19.96 -13.36
N TYR B 398 10.50 -19.68 -14.14
CA TYR B 398 10.67 -18.43 -14.83
C TYR B 398 10.36 -18.68 -16.28
N ILE B 399 9.31 -18.06 -16.76
CA ILE B 399 8.83 -18.22 -18.13
C ILE B 399 8.96 -16.91 -18.91
N GLY B 400 9.39 -17.00 -20.14
CA GLY B 400 9.56 -15.86 -21.00
C GLY B 400 10.42 -16.21 -22.19
N ASP B 401 11.06 -15.21 -22.79
CA ASP B 401 11.87 -15.44 -23.96
C ASP B 401 12.92 -14.35 -24.06
N PRO B 402 14.23 -14.68 -23.86
CA PRO B 402 15.27 -13.65 -24.01
C PRO B 402 15.38 -13.07 -25.41
N ALA B 403 14.65 -13.63 -26.40
CA ALA B 403 14.58 -13.12 -27.78
C ALA B 403 13.45 -12.10 -27.95
N GLN B 404 12.71 -11.80 -26.89
CA GLN B 404 11.69 -10.78 -26.91
C GLN B 404 12.21 -9.54 -26.17
N LEU B 405 11.38 -8.52 -26.10
CA LEU B 405 11.74 -7.25 -25.53
C LEU B 405 11.96 -7.23 -23.99
N PRO B 406 13.04 -6.51 -23.58
CA PRO B 406 13.30 -6.33 -22.15
C PRO B 406 12.52 -5.14 -21.59
N ALA B 407 12.62 -4.91 -20.26
CA ALA B 407 12.01 -3.76 -19.59
C ALA B 407 12.70 -2.52 -20.15
N PRO B 408 11.94 -1.47 -20.50
CA PRO B 408 12.60 -0.25 -21.02
C PRO B 408 13.59 0.31 -19.99
N ARG B 409 14.80 0.62 -20.44
CA ARG B 409 15.80 1.20 -19.57
C ARG B 409 15.86 2.66 -19.97
N THR B 410 15.01 3.50 -19.33
CA THR B 410 14.85 4.92 -19.64
C THR B 410 16.16 5.69 -19.64
N LEU B 411 17.14 5.29 -18.79
CA LEU B 411 18.39 6.02 -18.74
C LEU B 411 19.35 5.64 -19.84
N LEU B 412 19.28 4.40 -20.34
CA LEU B 412 20.21 3.88 -21.34
C LEU B 412 20.02 4.47 -22.74
N THR B 413 21.01 5.25 -23.18
CA THR B 413 20.99 5.90 -24.49
C THR B 413 22.20 5.53 -25.36
N LYS B 414 23.28 5.02 -24.77
CA LYS B 414 24.48 4.69 -25.52
C LYS B 414 24.82 3.20 -25.41
N GLY B 415 24.82 2.53 -26.54
CA GLY B 415 25.10 1.09 -26.58
C GLY B 415 23.82 0.29 -26.60
N THR B 416 23.94 -1.00 -26.95
CA THR B 416 22.79 -1.90 -27.00
C THR B 416 22.88 -2.93 -25.88
N LEU B 417 21.76 -3.12 -25.17
CA LEU B 417 21.70 -4.11 -24.10
C LEU B 417 21.38 -5.49 -24.65
N GLU B 418 22.37 -6.39 -24.67
CA GLU B 418 22.20 -7.74 -25.16
C GLU B 418 21.35 -8.62 -24.19
N PRO B 419 20.58 -9.60 -24.73
CA PRO B 419 19.66 -10.41 -23.89
C PRO B 419 20.28 -11.09 -22.67
N GLU B 420 21.55 -11.53 -22.78
CA GLU B 420 22.25 -12.11 -21.62
C GLU B 420 22.42 -11.10 -20.45
N TYR B 421 22.18 -9.82 -20.69
CA TYR B 421 22.31 -8.79 -19.68
C TYR B 421 20.95 -8.19 -19.23
N PHE B 422 19.80 -8.78 -19.67
CA PHE B 422 18.47 -8.26 -19.30
C PHE B 422 18.24 -8.46 -17.81
N ASN B 423 18.54 -9.64 -17.32
CA ASN B 423 18.44 -9.97 -15.91
C ASN B 423 19.19 -11.30 -15.68
N SER B 424 19.28 -11.80 -14.42
CA SER B 424 19.99 -13.04 -14.11
C SER B 424 19.39 -14.27 -14.81
N VAL B 425 18.03 -14.36 -14.94
CA VAL B 425 17.33 -15.47 -15.59
C VAL B 425 17.67 -15.47 -17.06
N CYS B 426 17.61 -14.29 -17.70
CA CYS B 426 17.96 -14.21 -19.12
C CYS B 426 19.45 -14.48 -19.31
N ARG B 427 20.30 -14.09 -18.34
CA ARG B 427 21.74 -14.38 -18.39
C ARG B 427 21.95 -15.89 -18.45
N LEU B 428 21.25 -16.63 -17.59
CA LEU B 428 21.30 -18.08 -17.60
C LEU B 428 20.80 -18.68 -18.96
N MET B 429 19.59 -18.30 -19.44
CA MET B 429 19.03 -18.80 -20.70
C MET B 429 19.93 -18.57 -21.90
N LYS B 430 20.72 -17.51 -21.86
CA LYS B 430 21.61 -17.19 -22.98
C LYS B 430 23.02 -17.80 -22.83
N THR B 431 23.44 -18.15 -21.61
CA THR B 431 24.77 -18.72 -21.39
C THR B 431 24.71 -20.26 -21.31
N ILE B 432 24.02 -20.82 -20.30
CA ILE B 432 23.86 -22.28 -20.16
C ILE B 432 22.58 -22.85 -20.82
N GLY B 433 21.82 -21.99 -21.53
CA GLY B 433 20.58 -22.40 -22.19
C GLY B 433 19.43 -22.55 -21.23
N PRO B 434 18.18 -22.52 -21.75
CA PRO B 434 17.03 -22.71 -20.88
C PRO B 434 16.84 -24.18 -20.55
N ASP B 435 16.21 -24.44 -19.40
CA ASP B 435 15.93 -25.83 -18.99
C ASP B 435 14.91 -26.46 -19.95
N MET B 436 13.94 -25.66 -20.38
CA MET B 436 12.85 -26.12 -21.20
C MET B 436 12.61 -25.15 -22.31
N PHE B 437 12.21 -25.67 -23.45
CA PHE B 437 11.94 -24.83 -24.61
C PHE B 437 10.63 -25.30 -25.33
N LEU B 438 9.65 -24.37 -25.55
CA LEU B 438 8.43 -24.68 -26.28
C LEU B 438 8.75 -24.53 -27.78
N GLY B 439 8.97 -25.66 -28.44
CA GLY B 439 9.50 -25.71 -29.79
C GLY B 439 8.56 -25.50 -30.94
N THR B 440 7.24 -25.50 -30.72
CA THR B 440 6.34 -25.35 -31.85
C THR B 440 5.51 -24.06 -31.81
N CYS B 441 5.75 -23.19 -32.79
CA CYS B 441 4.97 -21.97 -32.91
C CYS B 441 3.67 -22.29 -33.59
N ARG B 442 2.57 -22.04 -32.92
CA ARG B 442 1.25 -22.30 -33.49
C ARG B 442 0.56 -21.07 -34.07
N ARG B 443 1.18 -19.90 -33.95
CA ARG B 443 0.53 -18.70 -34.38
C ARG B 443 0.82 -18.30 -35.82
N CYS B 444 2.08 -18.32 -36.20
CA CYS B 444 2.51 -17.66 -37.40
C CYS B 444 2.57 -18.52 -38.63
N PRO B 445 2.32 -17.89 -39.81
CA PRO B 445 2.58 -18.62 -41.08
C PRO B 445 4.07 -19.06 -41.09
N ALA B 446 4.38 -20.20 -41.71
CA ALA B 446 5.74 -20.73 -41.68
C ALA B 446 6.84 -19.76 -42.20
N GLU B 447 6.54 -18.78 -43.11
CA GLU B 447 7.59 -17.81 -43.56
C GLU B 447 8.19 -17.03 -42.39
N ILE B 448 7.32 -16.60 -41.45
CA ILE B 448 7.66 -15.88 -40.23
C ILE B 448 8.37 -16.81 -39.25
N VAL B 449 7.80 -18.00 -39.01
CA VAL B 449 8.43 -18.95 -38.10
C VAL B 449 9.88 -19.31 -38.53
N ASP B 450 10.09 -19.57 -39.83
CA ASP B 450 11.41 -19.92 -40.34
C ASP B 450 12.40 -18.73 -40.26
N THR B 451 11.89 -17.49 -40.44
CA THR B 451 12.70 -16.27 -40.35
C THR B 451 13.24 -16.07 -38.93
N VAL B 452 12.34 -16.05 -37.91
CA VAL B 452 12.74 -15.82 -36.53
C VAL B 452 13.50 -17.04 -35.98
N SER B 453 13.17 -18.26 -36.44
CA SER B 453 13.86 -19.48 -36.04
C SER B 453 15.35 -19.37 -36.37
N ALA B 454 15.70 -18.92 -37.59
CA ALA B 454 17.10 -18.72 -37.99
C ALA B 454 17.74 -17.49 -37.31
N LEU B 455 16.94 -16.41 -37.13
CA LEU B 455 17.35 -15.14 -36.56
C LEU B 455 17.70 -15.17 -35.06
N VAL B 456 16.83 -15.73 -34.21
CA VAL B 456 17.05 -15.66 -32.77
C VAL B 456 16.90 -17.00 -32.01
N TYR B 457 16.49 -18.10 -32.68
CA TYR B 457 16.25 -19.38 -31.98
C TYR B 457 17.16 -20.53 -32.40
N ASP B 458 18.35 -20.25 -33.04
CA ASP B 458 19.32 -21.27 -33.53
C ASP B 458 18.63 -22.44 -34.28
N ASN B 459 17.62 -22.13 -35.13
CA ASN B 459 16.86 -23.08 -35.96
C ASN B 459 16.09 -24.14 -35.19
N LYS B 460 15.81 -23.87 -33.91
CA LYS B 460 15.08 -24.80 -33.07
C LYS B 460 13.58 -24.53 -32.98
N LEU B 461 13.09 -23.42 -33.56
CA LEU B 461 11.65 -23.14 -33.54
C LEU B 461 11.00 -23.73 -34.81
N LYS B 462 9.95 -24.55 -34.62
CA LYS B 462 9.24 -25.23 -35.72
C LYS B 462 7.87 -24.62 -36.00
N ALA B 463 7.44 -24.64 -37.27
CA ALA B 463 6.15 -24.07 -37.61
C ALA B 463 5.08 -25.12 -37.56
N HIS B 464 3.95 -24.78 -36.94
CA HIS B 464 2.79 -25.66 -36.95
C HIS B 464 1.97 -25.33 -38.21
N LYS B 465 1.78 -24.04 -38.49
CA LYS B 465 1.08 -23.62 -39.70
C LYS B 465 1.96 -23.86 -40.93
N ASP B 466 1.31 -23.95 -42.07
CA ASP B 466 1.97 -24.03 -43.35
C ASP B 466 2.37 -22.56 -43.73
N LYS B 467 3.14 -22.37 -44.82
CA LYS B 467 3.43 -21.05 -45.35
C LYS B 467 2.08 -20.45 -45.83
N SER B 468 1.77 -19.24 -45.42
CA SER B 468 0.51 -18.61 -45.80
C SER B 468 0.52 -18.05 -47.24
N ALA B 469 1.72 -17.81 -47.81
CA ALA B 469 1.96 -17.09 -49.08
C ALA B 469 1.42 -15.65 -49.05
N GLN B 470 1.33 -15.08 -47.83
CA GLN B 470 0.84 -13.73 -47.57
C GLN B 470 1.85 -12.94 -46.73
N CYS B 471 3.15 -13.24 -46.86
CA CYS B 471 4.20 -12.57 -46.11
C CYS B 471 5.07 -11.88 -47.15
N PHE B 472 5.04 -10.55 -47.16
CA PHE B 472 5.73 -9.72 -48.14
C PHE B 472 6.76 -8.81 -47.53
N LYS B 473 7.78 -8.48 -48.31
CA LYS B 473 8.83 -7.59 -47.89
C LYS B 473 9.19 -6.65 -49.05
N MET B 474 9.40 -5.36 -48.75
N MET B 474 9.41 -5.38 -48.74
CA MET B 474 9.82 -4.39 -49.75
CA MET B 474 9.80 -4.39 -49.73
C MET B 474 10.97 -3.61 -49.18
C MET B 474 10.99 -3.64 -49.17
N PHE B 475 12.02 -3.41 -49.97
CA PHE B 475 13.15 -2.66 -49.53
C PHE B 475 12.95 -1.20 -49.99
N TYR B 476 12.61 -0.31 -49.06
CA TYR B 476 12.30 1.07 -49.40
C TYR B 476 12.73 2.00 -48.26
N LYS B 477 13.86 2.70 -48.43
CA LYS B 477 14.37 3.58 -47.40
C LYS B 477 13.52 4.86 -47.16
N GLY B 478 12.83 5.34 -48.20
CA GLY B 478 11.97 6.51 -48.06
C GLY B 478 12.65 7.79 -47.64
N VAL B 479 12.03 8.53 -46.73
CA VAL B 479 12.53 9.80 -46.21
C VAL B 479 12.32 9.80 -44.71
N ILE B 480 13.39 9.96 -43.94
CA ILE B 480 13.29 9.99 -42.51
C ILE B 480 13.20 11.42 -42.00
N THR B 481 12.09 11.74 -41.35
CA THR B 481 11.90 13.00 -40.69
C THR B 481 11.91 12.73 -39.17
N HIS B 482 12.46 13.69 -38.40
CA HIS B 482 12.62 13.55 -36.97
C HIS B 482 11.85 14.61 -36.26
N ASP B 483 11.15 14.23 -35.22
CA ASP B 483 10.55 15.23 -34.35
C ASP B 483 11.34 15.17 -33.01
N VAL B 484 10.77 15.73 -31.94
CA VAL B 484 11.40 15.82 -30.63
C VAL B 484 12.13 14.52 -30.18
N SER B 485 11.40 13.41 -30.07
CA SER B 485 11.99 12.15 -29.61
C SER B 485 11.54 10.94 -30.47
N SER B 486 11.23 11.17 -31.75
CA SER B 486 10.71 10.08 -32.57
C SER B 486 11.15 10.19 -34.05
N ALA B 487 10.73 9.22 -34.89
CA ALA B 487 11.00 9.25 -36.32
C ALA B 487 9.72 8.97 -37.10
N ILE B 488 9.66 9.57 -38.26
CA ILE B 488 8.56 9.44 -39.20
C ILE B 488 9.17 9.14 -40.57
N ASN B 489 8.53 8.25 -41.30
CA ASN B 489 8.90 7.94 -42.67
C ASN B 489 7.61 8.00 -43.53
N ARG B 490 7.19 9.22 -43.97
CA ARG B 490 5.96 9.42 -44.77
C ARG B 490 5.99 8.60 -46.06
N PRO B 491 7.09 8.56 -46.81
CA PRO B 491 7.13 7.68 -48.02
C PRO B 491 6.88 6.20 -47.73
N GLN B 492 7.39 5.63 -46.59
CA GLN B 492 7.07 4.23 -46.26
C GLN B 492 5.56 4.04 -46.02
N ILE B 493 4.88 5.03 -45.40
CA ILE B 493 3.42 5.03 -45.22
C ILE B 493 2.68 5.20 -46.56
N GLY B 494 3.27 5.95 -47.48
CA GLY B 494 2.70 6.13 -48.81
C GLY B 494 2.73 4.82 -49.60
N VAL B 495 3.80 4.04 -49.43
CA VAL B 495 3.93 2.74 -50.06
C VAL B 495 2.83 1.81 -49.51
N VAL B 496 2.52 1.87 -48.19
CA VAL B 496 1.49 1.07 -47.53
C VAL B 496 0.12 1.47 -48.05
N ARG B 497 -0.12 2.77 -48.26
CA ARG B 497 -1.36 3.27 -48.85
C ARG B 497 -1.52 2.71 -50.28
N GLU B 498 -0.45 2.71 -51.12
CA GLU B 498 -0.55 2.13 -52.47
C GLU B 498 -0.80 0.62 -52.42
N PHE B 499 -0.21 -0.05 -51.45
CA PHE B 499 -0.41 -1.47 -51.24
C PHE B 499 -1.87 -1.75 -50.86
N LEU B 500 -2.44 -0.96 -49.93
CA LEU B 500 -3.80 -1.15 -49.45
C LEU B 500 -4.84 -0.97 -50.56
N THR B 501 -4.66 0.01 -51.49
CA THR B 501 -5.58 0.20 -52.61
C THR B 501 -5.61 -1.04 -53.52
N ARG B 502 -4.44 -1.67 -53.71
CA ARG B 502 -4.31 -2.87 -54.51
C ARG B 502 -4.70 -4.17 -53.76
N ASN B 503 -4.69 -4.14 -52.41
CA ASN B 503 -4.93 -5.30 -51.54
C ASN B 503 -5.92 -4.92 -50.44
N PRO B 504 -7.18 -4.54 -50.79
CA PRO B 504 -8.11 -4.07 -49.75
C PRO B 504 -8.42 -5.10 -48.66
N ALA B 505 -8.17 -6.40 -48.87
CA ALA B 505 -8.35 -7.38 -47.77
C ALA B 505 -7.41 -7.07 -46.59
N TRP B 506 -6.29 -6.38 -46.87
CA TRP B 506 -5.36 -5.95 -45.83
C TRP B 506 -5.88 -4.75 -45.02
N ARG B 507 -7.13 -4.27 -45.23
CA ARG B 507 -7.68 -3.18 -44.40
C ARG B 507 -7.93 -3.62 -42.98
N LYS B 508 -8.05 -4.91 -42.74
CA LYS B 508 -8.19 -5.45 -41.40
C LYS B 508 -6.78 -5.61 -40.70
N ALA B 509 -5.72 -4.99 -41.25
CA ALA B 509 -4.38 -5.09 -40.66
C ALA B 509 -4.12 -4.07 -39.55
N VAL B 510 -3.24 -4.47 -38.63
CA VAL B 510 -2.70 -3.62 -37.59
C VAL B 510 -1.44 -3.08 -38.15
N PHE B 511 -1.24 -1.77 -38.05
CA PHE B 511 -0.02 -1.08 -38.48
C PHE B 511 0.95 -1.10 -37.29
N ILE B 512 2.17 -1.57 -37.51
CA ILE B 512 3.18 -1.60 -36.47
C ILE B 512 4.45 -0.90 -36.95
N SER B 513 5.09 -0.15 -36.04
CA SER B 513 6.36 0.48 -36.32
C SER B 513 7.14 0.66 -35.01
N PRO B 514 8.47 0.85 -35.07
CA PRO B 514 9.23 1.09 -33.83
C PRO B 514 9.03 2.49 -33.22
N TYR B 515 8.30 3.40 -33.90
CA TYR B 515 8.15 4.77 -33.45
C TYR B 515 6.71 5.19 -33.30
N ASN B 516 6.39 5.80 -32.18
CA ASN B 516 5.04 6.27 -31.90
C ASN B 516 4.61 7.43 -32.87
N SER B 517 5.59 8.24 -33.40
CA SER B 517 5.22 9.30 -34.35
C SER B 517 4.95 8.78 -35.73
N GLN B 518 5.61 7.68 -36.13
CA GLN B 518 5.32 7.00 -37.38
C GLN B 518 3.85 6.45 -37.31
N ASN B 519 3.50 5.81 -36.18
CA ASN B 519 2.19 5.27 -35.89
C ASN B 519 1.10 6.36 -35.91
N ALA B 520 1.37 7.53 -35.36
CA ALA B 520 0.40 8.62 -35.35
C ALA B 520 0.12 9.11 -36.77
N VAL B 521 1.20 9.21 -37.59
CA VAL B 521 1.04 9.64 -38.98
C VAL B 521 0.25 8.58 -39.75
N ALA B 522 0.61 7.28 -39.57
CA ALA B 522 -0.08 6.18 -40.26
C ALA B 522 -1.54 6.01 -39.82
N SER B 523 -1.89 6.40 -38.58
CA SER B 523 -3.25 6.26 -38.10
C SER B 523 -4.19 7.22 -38.84
N LYS B 524 -3.70 8.42 -39.12
CA LYS B 524 -4.45 9.45 -39.82
C LYS B 524 -4.53 9.13 -41.34
N ILE B 525 -3.41 8.75 -41.97
CA ILE B 525 -3.31 8.46 -43.40
C ILE B 525 -3.93 7.11 -43.81
N LEU B 526 -3.70 6.07 -43.02
CA LEU B 526 -4.17 4.73 -43.37
C LEU B 526 -5.48 4.36 -42.70
N GLY B 527 -5.69 4.85 -41.50
CA GLY B 527 -6.89 4.51 -40.75
C GLY B 527 -6.83 3.16 -40.08
N LEU B 528 -5.68 2.47 -40.16
CA LEU B 528 -5.51 1.18 -39.51
C LEU B 528 -5.21 1.40 -38.03
N PRO B 529 -5.59 0.44 -37.14
CA PRO B 529 -5.17 0.54 -35.75
C PRO B 529 -3.64 0.45 -35.66
N THR B 530 -3.06 1.19 -34.74
CA THR B 530 -1.61 1.25 -34.62
C THR B 530 -1.11 0.60 -33.30
N GLN B 531 0.13 0.11 -33.31
CA GLN B 531 0.86 -0.48 -32.16
C GLN B 531 2.34 -0.25 -32.38
N THR B 532 3.07 0.13 -31.33
CA THR B 532 4.52 0.15 -31.45
C THR B 532 4.91 -1.31 -31.24
N VAL B 533 6.11 -1.70 -31.67
CA VAL B 533 6.57 -3.06 -31.46
C VAL B 533 6.52 -3.45 -29.96
N ASP B 534 6.99 -2.54 -29.09
CA ASP B 534 6.99 -2.74 -27.65
C ASP B 534 5.58 -2.91 -27.08
N SER B 535 4.57 -2.17 -27.56
CA SER B 535 3.18 -2.36 -27.09
C SER B 535 2.46 -3.55 -27.73
N SER B 536 2.97 -4.05 -28.86
CA SER B 536 2.38 -5.18 -29.53
C SER B 536 2.79 -6.50 -28.84
N GLN B 537 3.92 -6.55 -28.08
CA GLN B 537 4.39 -7.75 -27.37
C GLN B 537 3.28 -8.44 -26.58
N GLY B 538 3.12 -9.74 -26.84
CA GLY B 538 2.05 -10.51 -26.22
C GLY B 538 0.74 -10.58 -26.98
N SER B 539 0.51 -9.65 -27.95
CA SER B 539 -0.68 -9.58 -28.80
C SER B 539 -0.51 -10.28 -30.15
N GLU B 540 -1.63 -10.67 -30.76
CA GLU B 540 -1.61 -11.30 -32.08
C GLU B 540 -2.74 -10.76 -32.93
N TYR B 541 -2.48 -10.67 -34.22
CA TYR B 541 -3.40 -10.13 -35.21
C TYR B 541 -3.31 -10.95 -36.51
N ASP B 542 -4.38 -11.03 -37.30
CA ASP B 542 -4.35 -11.77 -38.57
C ASP B 542 -3.35 -11.18 -39.53
N TYR B 543 -3.42 -9.87 -39.74
CA TYR B 543 -2.52 -9.20 -40.66
C TYR B 543 -1.82 -8.08 -39.97
N VAL B 544 -0.57 -7.94 -40.29
CA VAL B 544 0.29 -6.93 -39.72
C VAL B 544 0.98 -6.20 -40.86
N ILE B 545 1.04 -4.88 -40.77
CA ILE B 545 1.81 -4.07 -41.72
C ILE B 545 2.85 -3.34 -40.89
N PHE B 546 4.10 -3.69 -41.11
CA PHE B 546 5.24 -3.14 -40.40
C PHE B 546 6.05 -2.21 -41.30
N THR B 547 6.34 -0.98 -40.82
CA THR B 547 7.29 -0.09 -41.53
C THR B 547 8.49 0.09 -40.58
N GLN B 548 9.70 -0.29 -41.02
CA GLN B 548 10.89 -0.16 -40.18
C GLN B 548 11.20 1.29 -39.78
N THR B 549 10.76 2.27 -40.62
CA THR B 549 10.90 3.73 -40.46
C THR B 549 12.37 4.23 -40.63
N THR B 550 13.33 3.67 -39.88
CA THR B 550 14.75 4.09 -39.93
C THR B 550 15.69 2.83 -39.90
N GLU B 551 17.02 3.01 -40.02
CA GLU B 551 18.02 1.94 -39.88
C GLU B 551 18.81 2.07 -38.57
N THR B 552 18.25 2.72 -37.56
CA THR B 552 18.89 2.91 -36.26
C THR B 552 19.11 1.56 -35.52
N ALA B 553 19.91 1.57 -34.44
CA ALA B 553 20.08 0.37 -33.61
C ALA B 553 18.71 -0.03 -32.97
N HIS B 554 17.78 0.94 -32.78
CA HIS B 554 16.47 0.73 -32.18
C HIS B 554 15.57 -0.06 -33.16
N SER B 555 15.46 0.44 -34.40
CA SER B 555 14.63 -0.21 -35.39
C SER B 555 15.23 -1.51 -35.94
N CYS B 556 16.56 -1.72 -35.78
CA CYS B 556 17.27 -2.94 -36.19
C CYS B 556 17.46 -3.94 -35.07
N ASN B 557 16.97 -3.65 -33.86
CA ASN B 557 17.14 -4.56 -32.74
C ASN B 557 16.48 -5.91 -33.06
N VAL B 558 17.27 -7.02 -33.05
CA VAL B 558 16.73 -8.29 -33.46
C VAL B 558 15.57 -8.74 -32.56
N ASN B 559 15.57 -8.38 -31.27
CA ASN B 559 14.47 -8.77 -30.38
C ASN B 559 13.20 -8.01 -30.72
N ARG B 560 13.33 -6.72 -31.07
CA ARG B 560 12.22 -5.88 -31.50
C ARG B 560 11.71 -6.40 -32.85
N PHE B 561 12.61 -6.75 -33.77
CA PHE B 561 12.24 -7.30 -35.08
C PHE B 561 11.44 -8.61 -34.96
N ASN B 562 11.94 -9.53 -34.11
CA ASN B 562 11.33 -10.80 -33.78
C ASN B 562 9.90 -10.56 -33.25
N VAL B 563 9.71 -9.64 -32.27
CA VAL B 563 8.39 -9.33 -31.73
C VAL B 563 7.50 -8.75 -32.83
N ALA B 564 8.03 -7.82 -33.64
CA ALA B 564 7.25 -7.20 -34.71
C ALA B 564 6.65 -8.22 -35.70
N ILE B 565 7.46 -9.15 -36.24
CA ILE B 565 6.96 -10.04 -37.28
C ILE B 565 6.20 -11.25 -36.71
N THR B 566 6.43 -11.64 -35.42
CA THR B 566 5.69 -12.74 -34.80
C THR B 566 4.31 -12.31 -34.21
N ARG B 567 3.82 -11.12 -34.60
CA ARG B 567 2.50 -10.67 -34.18
C ARG B 567 1.40 -11.26 -35.10
N ALA B 568 1.75 -11.62 -36.35
CA ALA B 568 0.86 -12.07 -37.42
C ALA B 568 0.52 -13.55 -37.38
N LYS B 569 -0.78 -13.80 -37.51
CA LYS B 569 -1.33 -15.14 -37.61
C LYS B 569 -1.43 -15.56 -39.09
N VAL B 570 -1.66 -14.62 -40.00
CA VAL B 570 -1.91 -14.95 -41.40
C VAL B 570 -0.93 -14.33 -42.40
N GLY B 571 -0.85 -13.01 -42.46
CA GLY B 571 0.04 -12.34 -43.40
C GLY B 571 0.69 -11.14 -42.79
N ILE B 572 1.82 -10.74 -43.37
CA ILE B 572 2.58 -9.59 -42.93
C ILE B 572 3.15 -8.87 -44.16
N LEU B 573 3.22 -7.56 -44.08
CA LEU B 573 3.89 -6.76 -45.10
C LEU B 573 5.01 -6.02 -44.33
N CYS B 574 6.27 -6.18 -44.73
CA CYS B 574 7.38 -5.48 -44.09
C CYS B 574 8.00 -4.49 -45.03
N ILE B 575 7.87 -3.18 -44.76
CA ILE B 575 8.54 -2.16 -45.58
C ILE B 575 9.82 -1.91 -44.81
N MET B 576 10.94 -2.42 -45.31
CA MET B 576 12.23 -2.40 -44.62
C MET B 576 13.16 -1.29 -45.05
N SER B 577 14.04 -0.87 -44.12
CA SER B 577 15.07 0.16 -44.30
C SER B 577 16.45 -0.48 -44.29
N ASP B 578 16.65 -1.53 -43.48
CA ASP B 578 17.90 -2.23 -43.27
C ASP B 578 18.03 -3.40 -44.26
N ARG B 579 19.11 -3.40 -45.08
CA ARG B 579 19.35 -4.47 -46.05
C ARG B 579 19.49 -5.80 -45.35
N ASP B 580 20.22 -5.83 -44.24
CA ASP B 580 20.49 -7.02 -43.41
C ASP B 580 19.18 -7.70 -43.02
N LEU B 581 18.31 -7.04 -42.25
CA LEU B 581 17.06 -7.63 -41.82
C LEU B 581 16.13 -7.96 -42.99
N TYR B 582 16.16 -7.14 -44.07
CA TYR B 582 15.36 -7.38 -45.27
C TYR B 582 15.79 -8.73 -45.89
N ASP B 583 17.11 -8.95 -46.01
CA ASP B 583 17.69 -10.15 -46.60
C ASP B 583 17.41 -11.40 -45.76
N LYS B 584 17.29 -11.23 -44.42
CA LYS B 584 16.96 -12.29 -43.48
C LYS B 584 15.46 -12.67 -43.50
N LEU B 585 14.59 -11.79 -44.03
CA LEU B 585 13.16 -12.09 -44.14
C LEU B 585 12.89 -13.11 -45.26
N GLN B 586 12.28 -14.26 -44.89
CA GLN B 586 11.94 -15.33 -45.84
C GLN B 586 10.52 -15.10 -46.35
N PHE B 587 10.34 -13.92 -46.93
CA PHE B 587 9.09 -13.41 -47.45
C PHE B 587 9.25 -13.20 -48.95
N THR B 588 8.11 -13.09 -49.64
CA THR B 588 8.05 -12.79 -51.05
C THR B 588 8.38 -11.29 -51.20
N SER B 589 9.37 -10.94 -52.02
CA SER B 589 9.68 -9.55 -52.24
C SER B 589 8.72 -8.90 -53.25
N LEU B 590 8.26 -7.68 -52.93
CA LEU B 590 7.43 -6.85 -53.79
C LEU B 590 8.37 -5.76 -54.38
N GLU B 591 7.95 -5.07 -55.44
CA GLU B 591 8.78 -4.01 -56.06
C GLU B 591 8.30 -2.58 -55.69
N ILE B 592 9.19 -1.55 -55.78
CA ILE B 592 8.80 -0.18 -55.47
C ILE B 592 8.04 0.42 -56.65
N PRO B 593 6.82 0.93 -56.42
CA PRO B 593 6.08 1.56 -57.54
C PRO B 593 6.52 3.01 -57.82
#